data_8PLU
#
_entry.id   8PLU
#
_cell.length_a   62.150
_cell.length_b   103.380
_cell.length_c   133.840
_cell.angle_alpha   90.000
_cell.angle_beta   91.950
_cell.angle_gamma   90.000
#
_symmetry.space_group_name_H-M   'P 1 21 1'
#
loop_
_entity.id
_entity.type
_entity.pdbx_description
1 polymer 'Thioredoxin glutathione reductase'
2 non-polymer 'FLAVIN-ADENINE DINUCLEOTIDE'
3 non-polymer 4-propan-2-yl-~{N}-pyridin-2-yl-benzamide
4 water water
#
_entity_poly.entity_id   1
_entity_poly.type   'polypeptide(L)'
_entity_poly.pdbx_seq_one_letter_code
;GPPPADGTSQWLRKTVDSAAVILFSKTTCPYCKKVKDVLAEAKIKHATIELDQLSNGSAIQKCLASFSKIETVPQMFVRG
KFIGDSQTVLKYYSNDELAGIVNESKYDYDLIVIGGGSGGLAAGKEAAKYGAKTAVLDYVEPTPIGTTWGLGGTCVNVGC
IPKKLMHQAGLLSHALEDAEHFGWSLDRSKISHNWSTMVEGVQSHIGSLNWGYKVALRDNQVTYLNAKGRLISPHEVQIT
DKNQKVSTITGNKIILATGERPKYPEIPGAVEYGITSDDLFSLPYFPGKTLVIGASYVALECAGFLASLGGDVTVMVRSI
LLRGFDQQMAEKVGDYMENHGVKFAKLCVPDEIKQLKVVDTENNKPGLLLVKGHYTDGKKFEEEFETVIFAVGREPQLSK
VLCETVGVKLDKNGRVVCTDDEQTTVSNVYAIGDINAGKPQLTPVAIQAGRYLARRLFAGATELTDYSNVATTVFTPLEY
GACGLSEEDAIEKYGDKDIEVYHSNFKPLEWTVAHREDNVCYMKLVCRKSDNMRVLGLHVLGPNAGEITQGYAVAIKMGA
TKADFDRTIGIHPTCSETFTTLHVTKKSGVSPIVSGC
;
_entity_poly.pdbx_strand_id   A,B
#
loop_
_chem_comp.id
_chem_comp.type
_chem_comp.name
_chem_comp.formula
FAD non-polymer 'FLAVIN-ADENINE DINUCLEOTIDE' 'C27 H33 N9 O15 P2'
ZPU non-polymer 4-propan-2-yl-~{N}-pyridin-2-yl-benzamide 'C15 H16 N2 O'
#
# COMPACT_ATOMS: atom_id res chain seq x y z
N GLY A 7 -1.02 -28.16 -5.46
CA GLY A 7 0.22 -28.65 -6.04
C GLY A 7 0.85 -27.63 -6.98
N THR A 8 0.29 -27.52 -8.18
CA THR A 8 0.75 -26.50 -9.11
C THR A 8 0.62 -25.10 -8.52
N SER A 9 -0.49 -24.83 -7.84
CA SER A 9 -0.77 -23.47 -7.39
C SER A 9 0.21 -23.03 -6.29
N GLN A 10 0.61 -23.96 -5.41
CA GLN A 10 1.61 -23.59 -4.40
C GLN A 10 2.97 -23.33 -5.03
N TRP A 11 3.32 -24.09 -6.07
CA TRP A 11 4.56 -23.83 -6.79
C TRP A 11 4.55 -22.44 -7.42
N LEU A 12 3.45 -22.09 -8.10
CA LEU A 12 3.42 -20.82 -8.82
C LEU A 12 3.55 -19.65 -7.86
N ARG A 13 2.86 -19.73 -6.72
CA ARG A 13 2.94 -18.65 -5.73
C ARG A 13 4.36 -18.50 -5.22
N LYS A 14 5.02 -19.61 -4.89
CA LYS A 14 6.41 -19.56 -4.43
C LYS A 14 7.32 -18.97 -5.49
N THR A 15 7.16 -19.42 -6.75
CA THR A 15 8.01 -18.91 -7.83
C THR A 15 7.81 -17.42 -8.07
N VAL A 16 6.56 -16.96 -8.09
CA VAL A 16 6.28 -15.56 -8.39
C VAL A 16 6.76 -14.66 -7.25
N ASP A 17 6.61 -15.14 -6.00
CA ASP A 17 6.98 -14.30 -4.85
C ASP A 17 8.46 -13.97 -4.83
N SER A 18 9.33 -14.93 -5.20
CA SER A 18 10.75 -14.72 -5.00
C SER A 18 11.55 -14.46 -6.28
N ALA A 19 11.02 -14.78 -7.45
CA ALA A 19 11.73 -14.40 -8.68
C ALA A 19 11.90 -12.89 -8.72
N ALA A 20 13.09 -12.44 -9.15
CA ALA A 20 13.33 -11.01 -9.30
C ALA A 20 12.61 -10.46 -10.54
N VAL A 21 12.82 -11.09 -11.69
CA VAL A 21 12.19 -10.72 -12.96
C VAL A 21 11.99 -12.01 -13.71
N ILE A 22 10.74 -12.33 -14.06
CA ILE A 22 10.44 -13.60 -14.72
C ILE A 22 9.32 -13.39 -15.74
N LEU A 23 9.47 -14.03 -16.90
CA LEU A 23 8.52 -13.96 -18.00
C LEU A 23 7.93 -15.33 -18.20
N PHE A 24 6.60 -15.43 -18.13
CA PHE A 24 5.90 -16.64 -18.54
C PHE A 24 5.60 -16.55 -20.03
N SER A 25 5.96 -17.60 -20.77
CA SER A 25 6.15 -17.48 -22.21
C SER A 25 5.76 -18.78 -22.89
N LYS A 26 5.70 -18.74 -24.22
CA LYS A 26 5.59 -19.91 -25.08
C LYS A 26 6.53 -19.75 -26.26
N THR A 27 7.26 -20.83 -26.59
CA THR A 27 8.30 -20.78 -27.62
C THR A 27 7.73 -20.36 -28.96
N THR A 28 6.49 -20.73 -29.25
CA THR A 28 5.85 -20.45 -30.53
C THR A 28 5.36 -19.01 -30.67
N CYS A 29 5.14 -18.30 -29.56
CA CYS A 29 4.36 -17.06 -29.59
C CYS A 29 5.22 -15.89 -30.05
N PRO A 30 4.84 -15.17 -31.11
CA PRO A 30 5.61 -14.00 -31.53
C PRO A 30 5.45 -12.81 -30.58
N TYR A 31 4.34 -12.74 -29.84
CA TYR A 31 4.20 -11.67 -28.86
C TYR A 31 5.19 -11.87 -27.72
N CYS A 32 5.46 -13.12 -27.35
CA CYS A 32 6.47 -13.38 -26.34
C CYS A 32 7.86 -13.00 -26.85
N LYS A 33 8.18 -13.43 -28.08
CA LYS A 33 9.45 -13.04 -28.70
C LYS A 33 9.61 -11.53 -28.74
N LYS A 34 8.52 -10.82 -29.03
CA LYS A 34 8.57 -9.37 -29.05
C LYS A 34 8.94 -8.79 -27.69
N VAL A 35 8.40 -9.38 -26.61
CA VAL A 35 8.76 -8.90 -25.27
C VAL A 35 10.19 -9.29 -24.93
N LYS A 36 10.60 -10.52 -25.28
CA LYS A 36 11.98 -10.94 -25.05
C LYS A 36 12.96 -9.97 -25.69
N ASP A 37 12.66 -9.58 -26.94
CA ASP A 37 13.57 -8.73 -27.71
C ASP A 37 13.75 -7.36 -27.04
N VAL A 38 12.70 -6.83 -26.43
CA VAL A 38 12.82 -5.53 -25.77
C VAL A 38 13.62 -5.66 -24.47
N LEU A 39 13.45 -6.76 -23.74
CA LEU A 39 13.99 -6.87 -22.39
C LEU A 39 15.52 -6.67 -22.38
N ALA A 40 16.26 -7.46 -23.16
CA ALA A 40 17.64 -7.08 -23.39
C ALA A 40 17.69 -6.21 -24.65
N GLU A 41 18.66 -5.29 -24.67
CA GLU A 41 18.67 -4.02 -25.39
C GLU A 41 18.49 -2.95 -24.33
N ALA A 42 17.45 -3.11 -23.52
CA ALA A 42 17.42 -2.46 -22.22
C ALA A 42 18.34 -3.16 -21.22
N LYS A 43 18.92 -4.31 -21.61
CA LYS A 43 19.85 -5.07 -20.77
C LYS A 43 19.18 -5.50 -19.46
N ILE A 44 17.97 -6.05 -19.57
CA ILE A 44 17.23 -6.56 -18.43
C ILE A 44 17.36 -8.07 -18.41
N LYS A 45 18.16 -8.59 -17.47
CA LYS A 45 18.25 -10.03 -17.27
C LYS A 45 17.02 -10.53 -16.54
N HIS A 46 16.59 -11.75 -16.87
CA HIS A 46 15.35 -12.29 -16.33
C HIS A 46 15.30 -13.80 -16.53
N ALA A 47 14.50 -14.46 -15.69
CA ALA A 47 14.18 -15.85 -15.92
C ALA A 47 13.03 -15.98 -16.92
N THR A 48 13.00 -17.11 -17.60
CA THR A 48 11.97 -17.41 -18.59
C THR A 48 11.44 -18.81 -18.35
N ILE A 49 10.13 -18.98 -18.42
CA ILE A 49 9.49 -20.28 -18.29
C ILE A 49 8.61 -20.50 -19.51
N GLU A 50 8.89 -21.56 -20.27
CA GLU A 50 8.16 -21.84 -21.51
C GLU A 50 7.06 -22.85 -21.20
N LEU A 51 5.82 -22.34 -21.07
CA LEU A 51 4.71 -23.17 -20.61
C LEU A 51 4.42 -24.33 -21.55
N ASP A 52 4.74 -24.20 -22.84
CA ASP A 52 4.55 -25.30 -23.78
C ASP A 52 5.63 -26.37 -23.67
N GLN A 53 6.61 -26.21 -22.78
CA GLN A 53 7.62 -27.23 -22.52
C GLN A 53 7.36 -28.02 -21.25
N LEU A 54 6.34 -27.65 -20.48
CA LEU A 54 6.04 -28.33 -19.23
C LEU A 54 4.78 -29.16 -19.37
N SER A 55 4.73 -30.27 -18.62
CA SER A 55 3.60 -31.19 -18.72
C SER A 55 2.30 -30.52 -18.31
N ASN A 56 2.29 -29.85 -17.16
CA ASN A 56 1.12 -29.14 -16.68
C ASN A 56 1.17 -27.65 -17.00
N GLY A 57 1.59 -27.30 -18.22
CA GLY A 57 1.55 -25.90 -18.62
C GLY A 57 0.14 -25.33 -18.67
N SER A 58 -0.84 -26.18 -19.04
CA SER A 58 -2.23 -25.73 -19.13
C SER A 58 -2.75 -25.32 -17.76
N ALA A 59 -2.37 -26.06 -16.72
CA ALA A 59 -2.76 -25.68 -15.36
C ALA A 59 -2.07 -24.41 -14.91
N ILE A 60 -0.77 -24.27 -15.21
CA ILE A 60 -0.03 -23.09 -14.75
C ILE A 60 -0.59 -21.83 -15.40
N GLN A 61 -0.93 -21.91 -16.70
CA GLN A 61 -1.57 -20.78 -17.37
C GLN A 61 -2.82 -20.33 -16.63
N LYS A 62 -3.68 -21.29 -16.25
CA LYS A 62 -4.89 -20.96 -15.51
C LYS A 62 -4.54 -20.30 -14.17
N CYS A 63 -3.59 -20.87 -13.44
CA CYS A 63 -3.23 -20.34 -12.14
C CYS A 63 -2.69 -18.91 -12.21
N LEU A 64 -1.99 -18.56 -13.29
CA LEU A 64 -1.48 -17.20 -13.43
C LEU A 64 -2.60 -16.17 -13.25
N ALA A 65 -3.80 -16.50 -13.73
CA ALA A 65 -4.94 -15.58 -13.63
C ALA A 65 -5.26 -15.20 -12.18
N SER A 66 -4.88 -16.05 -11.22
CA SER A 66 -5.01 -15.67 -9.81
C SER A 66 -4.13 -14.47 -9.47
N PHE A 67 -3.10 -14.20 -10.27
CA PHE A 67 -2.18 -13.10 -9.99
C PHE A 67 -2.42 -11.89 -10.88
N SER A 68 -2.73 -12.12 -12.15
CA SER A 68 -2.81 -11.05 -13.14
C SER A 68 -4.22 -10.80 -13.64
N LYS A 69 -5.17 -11.69 -13.32
CA LYS A 69 -6.54 -11.67 -13.84
C LYS A 69 -6.58 -11.88 -15.35
N ILE A 70 -5.52 -12.43 -15.95
CA ILE A 70 -5.53 -12.84 -17.36
C ILE A 70 -4.86 -14.21 -17.48
N GLU A 71 -5.21 -14.92 -18.57
CA GLU A 71 -4.79 -16.31 -18.77
C GLU A 71 -3.91 -16.50 -20.01
N THR A 72 -3.36 -15.43 -20.57
CA THR A 72 -2.61 -15.50 -21.81
C THR A 72 -1.11 -15.34 -21.55
N VAL A 73 -0.32 -15.53 -22.61
CA VAL A 73 1.11 -15.27 -22.59
C VAL A 73 1.42 -14.19 -23.62
N PRO A 74 2.42 -13.33 -23.40
CA PRO A 74 3.36 -13.27 -22.27
C PRO A 74 2.81 -12.59 -21.03
N GLN A 75 3.31 -12.98 -19.87
CA GLN A 75 3.06 -12.28 -18.61
C GLN A 75 4.39 -12.06 -17.93
N MET A 76 4.70 -10.81 -17.59
CA MET A 76 5.98 -10.46 -16.98
C MET A 76 5.74 -9.98 -15.56
N PHE A 77 6.53 -10.53 -14.63
CA PHE A 77 6.45 -10.21 -13.20
C PHE A 77 7.77 -9.61 -12.73
N VAL A 78 7.70 -8.79 -11.68
CA VAL A 78 8.87 -8.21 -11.04
C VAL A 78 8.65 -8.29 -9.54
N ARG A 79 9.49 -9.06 -8.86
CA ARG A 79 9.53 -9.11 -7.40
C ARG A 79 8.14 -9.36 -6.80
N GLY A 80 7.39 -10.26 -7.44
CA GLY A 80 6.10 -10.69 -6.92
C GLY A 80 4.90 -9.95 -7.45
N LYS A 81 5.09 -8.97 -8.33
CA LYS A 81 4.02 -8.10 -8.79
C LYS A 81 3.87 -8.21 -10.30
N PHE A 82 2.63 -8.35 -10.76
CA PHE A 82 2.35 -8.44 -12.19
C PHE A 82 2.54 -7.08 -12.84
N ILE A 83 3.29 -7.05 -13.93
CA ILE A 83 3.65 -5.81 -14.62
C ILE A 83 2.80 -5.61 -15.86
N GLY A 84 2.64 -6.64 -16.69
CA GLY A 84 1.78 -6.48 -17.84
C GLY A 84 2.00 -7.55 -18.90
N ASP A 85 1.19 -7.46 -19.97
CA ASP A 85 1.34 -8.26 -21.16
C ASP A 85 2.22 -7.52 -22.19
N SER A 86 2.16 -7.93 -23.45
CA SER A 86 2.95 -7.30 -24.52
C SER A 86 2.69 -5.79 -24.58
N GLN A 87 1.43 -5.41 -24.79
CA GLN A 87 1.09 -4.01 -24.99
C GLN A 87 1.57 -3.15 -23.83
N THR A 88 1.38 -3.63 -22.59
CA THR A 88 1.72 -2.83 -21.41
C THR A 88 3.22 -2.70 -21.22
N VAL A 89 3.98 -3.75 -21.54
CA VAL A 89 5.44 -3.69 -21.41
C VAL A 89 6.02 -2.74 -22.45
N LEU A 90 5.57 -2.85 -23.70
CA LEU A 90 6.03 -1.95 -24.75
C LEU A 90 5.74 -0.50 -24.40
N LYS A 91 4.54 -0.25 -23.82
CA LYS A 91 4.17 1.08 -23.36
C LYS A 91 5.18 1.62 -22.35
N TYR A 92 5.48 0.84 -21.32
CA TYR A 92 6.52 1.22 -20.37
C TYR A 92 7.86 1.46 -21.07
N TYR A 93 8.16 0.65 -22.09
CA TYR A 93 9.41 0.81 -22.82
C TYR A 93 9.46 2.14 -23.57
N SER A 94 8.43 2.43 -24.38
CA SER A 94 8.43 3.67 -25.15
C SER A 94 8.47 4.89 -24.25
N ASN A 95 7.74 4.86 -23.14
CA ASN A 95 7.63 6.01 -22.26
C ASN A 95 8.80 6.15 -21.27
N ASP A 96 9.86 5.36 -21.41
CA ASP A 96 11.04 5.46 -20.52
C ASP A 96 10.71 5.10 -19.08
N GLU A 97 9.73 4.22 -18.89
CA GLU A 97 9.30 3.85 -17.54
C GLU A 97 9.74 2.44 -17.16
N LEU A 98 10.21 1.64 -18.12
CA LEU A 98 10.52 0.23 -17.84
C LEU A 98 11.70 0.09 -16.88
N ALA A 99 12.75 0.89 -17.06
CA ALA A 99 13.93 0.73 -16.22
C ALA A 99 13.60 0.95 -14.74
N GLY A 100 12.72 1.92 -14.45
CA GLY A 100 12.35 2.17 -13.07
C GLY A 100 11.49 1.07 -12.48
N ILE A 101 10.61 0.48 -13.30
CA ILE A 101 9.79 -0.64 -12.85
C ILE A 101 10.69 -1.78 -12.35
N VAL A 102 11.60 -2.24 -13.22
CA VAL A 102 12.36 -3.46 -12.94
C VAL A 102 13.38 -3.27 -11.82
N ASN A 103 13.74 -2.04 -11.50
CA ASN A 103 14.69 -1.76 -10.44
C ASN A 103 14.03 -1.38 -9.12
N GLU A 104 12.70 -1.40 -9.04
CA GLU A 104 12.01 -1.07 -7.81
C GLU A 104 12.05 -2.24 -6.84
N SER A 105 12.53 -1.98 -5.63
CA SER A 105 12.71 -3.05 -4.65
C SER A 105 12.60 -2.50 -3.24
N LYS A 106 11.99 -3.30 -2.36
CA LYS A 106 12.00 -3.00 -0.93
C LYS A 106 13.40 -3.04 -0.33
N TYR A 107 14.34 -3.75 -0.97
CA TYR A 107 15.67 -3.97 -0.43
C TYR A 107 16.73 -3.47 -1.41
N ASP A 108 17.95 -3.31 -0.90
CA ASP A 108 19.08 -2.97 -1.76
C ASP A 108 19.36 -4.07 -2.78
N TYR A 109 19.29 -5.34 -2.35
CA TYR A 109 19.66 -6.47 -3.19
C TYR A 109 18.63 -7.57 -3.09
N ASP A 110 18.42 -8.29 -4.20
CA ASP A 110 17.59 -9.49 -4.11
C ASP A 110 18.29 -10.59 -3.33
N LEU A 111 19.61 -10.62 -3.35
CA LEU A 111 20.41 -11.67 -2.71
C LEU A 111 21.70 -11.10 -2.15
N ILE A 112 21.96 -11.34 -0.87
CA ILE A 112 23.27 -11.11 -0.28
C ILE A 112 23.88 -12.46 0.05
N VAL A 113 25.06 -12.73 -0.50
CA VAL A 113 25.85 -13.91 -0.15
C VAL A 113 26.95 -13.48 0.81
N ILE A 114 26.98 -14.07 1.99
CA ILE A 114 28.07 -13.84 2.93
C ILE A 114 29.06 -14.97 2.76
N GLY A 115 30.24 -14.65 2.21
CA GLY A 115 31.32 -15.60 1.99
C GLY A 115 31.61 -15.79 0.52
N GLY A 116 32.84 -15.50 0.10
CA GLY A 116 33.18 -15.58 -1.31
C GLY A 116 33.99 -16.81 -1.69
N GLY A 117 33.48 -18.01 -1.36
CA GLY A 117 34.19 -19.23 -1.61
C GLY A 117 33.54 -20.12 -2.64
N SER A 118 33.85 -21.41 -2.55
CA SER A 118 33.32 -22.40 -3.51
C SER A 118 31.81 -22.27 -3.65
N GLY A 119 31.09 -22.36 -2.52
CA GLY A 119 29.64 -22.29 -2.58
C GLY A 119 29.12 -20.91 -2.90
N GLY A 120 29.64 -19.89 -2.21
CA GLY A 120 29.06 -18.55 -2.33
C GLY A 120 29.25 -17.95 -3.71
N LEU A 121 30.47 -18.03 -4.24
CA LEU A 121 30.70 -17.56 -5.61
C LEU A 121 29.78 -18.27 -6.60
N ALA A 122 29.56 -19.57 -6.41
CA ALA A 122 28.71 -20.32 -7.32
C ALA A 122 27.27 -19.82 -7.24
N ALA A 123 26.76 -19.69 -6.02
CA ALA A 123 25.41 -19.18 -5.82
C ALA A 123 25.23 -17.82 -6.48
N GLY A 124 26.14 -16.88 -6.20
CA GLY A 124 25.93 -15.51 -6.63
C GLY A 124 25.92 -15.36 -8.14
N LYS A 125 26.89 -16.01 -8.82
CA LYS A 125 26.94 -15.94 -10.27
C LYS A 125 25.68 -16.52 -10.89
N GLU A 126 25.19 -17.64 -10.34
CA GLU A 126 24.02 -18.28 -10.94
C GLU A 126 22.77 -17.43 -10.76
N ALA A 127 22.60 -16.82 -9.57
CA ALA A 127 21.43 -15.98 -9.31
C ALA A 127 21.40 -14.78 -10.25
N ALA A 128 22.54 -14.14 -10.46
CA ALA A 128 22.61 -12.98 -11.33
C ALA A 128 22.21 -13.29 -12.76
N LYS A 129 22.31 -14.56 -13.17
CA LYS A 129 21.88 -14.97 -14.50
C LYS A 129 20.40 -14.76 -14.74
N TYR A 130 19.58 -14.80 -13.68
CA TYR A 130 18.13 -14.71 -13.82
C TYR A 130 17.59 -13.36 -13.36
N GLY A 131 18.44 -12.36 -13.25
CA GLY A 131 17.98 -11.02 -12.97
C GLY A 131 18.01 -10.62 -11.51
N ALA A 132 18.48 -11.47 -10.60
CA ALA A 132 18.61 -11.08 -9.21
C ALA A 132 19.75 -10.07 -9.02
N LYS A 133 19.44 -8.93 -8.41
CA LYS A 133 20.47 -7.98 -8.01
C LYS A 133 21.24 -8.54 -6.81
N THR A 134 22.55 -8.73 -6.97
CA THR A 134 23.31 -9.64 -6.13
C THR A 134 24.57 -8.97 -5.61
N ALA A 135 24.87 -9.23 -4.34
CA ALA A 135 26.12 -8.84 -3.71
C ALA A 135 26.78 -10.07 -3.10
N VAL A 136 28.10 -10.15 -3.24
CA VAL A 136 28.90 -11.19 -2.61
C VAL A 136 29.95 -10.54 -1.73
N LEU A 137 30.01 -10.96 -0.47
CA LEU A 137 30.93 -10.41 0.50
C LEU A 137 32.01 -11.45 0.78
N ASP A 138 33.27 -11.04 0.70
CA ASP A 138 34.35 -11.93 1.12
C ASP A 138 35.39 -11.16 1.92
N TYR A 139 35.84 -11.77 3.01
CA TYR A 139 36.90 -11.23 3.86
C TYR A 139 37.67 -12.41 4.43
N VAL A 140 39.00 -12.27 4.50
CA VAL A 140 39.88 -13.35 4.92
C VAL A 140 40.57 -12.92 6.20
N GLU A 141 40.05 -13.36 7.34
CA GLU A 141 40.66 -13.03 8.62
C GLU A 141 42.07 -13.62 8.64
N PRO A 142 43.10 -12.82 8.92
CA PRO A 142 44.48 -13.34 8.84
C PRO A 142 44.71 -14.46 9.85
N THR A 143 45.67 -15.33 9.53
CA THR A 143 46.14 -16.37 10.45
C THR A 143 46.93 -15.72 11.59
N PRO A 144 47.21 -16.47 12.66
CA PRO A 144 48.00 -15.88 13.77
C PRO A 144 49.32 -15.25 13.34
N ILE A 145 50.01 -15.80 12.34
CA ILE A 145 51.24 -15.13 11.90
C ILE A 145 50.98 -14.08 10.83
N GLY A 146 49.73 -13.89 10.41
CA GLY A 146 49.41 -12.81 9.49
C GLY A 146 49.06 -13.20 8.07
N THR A 147 49.16 -14.49 7.72
CA THR A 147 48.90 -14.91 6.35
C THR A 147 47.47 -14.55 5.93
N THR A 148 47.35 -14.00 4.73
CA THR A 148 46.05 -13.74 4.11
C THR A 148 46.17 -14.03 2.61
N TRP A 149 45.05 -13.92 1.89
CA TRP A 149 44.97 -14.29 0.46
C TRP A 149 43.70 -13.67 -0.13
N GLY A 150 43.46 -13.98 -1.42
CA GLY A 150 42.44 -13.30 -2.21
C GLY A 150 41.16 -14.10 -2.42
N LEU A 151 40.31 -13.59 -3.31
CA LEU A 151 38.97 -14.12 -3.51
C LEU A 151 39.00 -15.57 -4.02
N GLY A 152 38.06 -16.39 -3.50
CA GLY A 152 37.87 -17.74 -4.01
C GLY A 152 37.65 -18.84 -2.99
N GLY A 153 37.92 -18.55 -1.71
CA GLY A 153 37.69 -19.49 -0.62
C GLY A 153 38.87 -20.41 -0.30
N THR A 154 38.57 -21.38 0.55
CA THR A 154 39.60 -22.27 1.10
C THR A 154 40.17 -23.20 0.03
N CYS A 155 39.33 -23.78 -0.82
CA CYS A 155 39.85 -24.71 -1.83
C CYS A 155 40.87 -24.04 -2.75
N VAL A 156 40.47 -22.90 -3.33
CA VAL A 156 41.28 -22.19 -4.32
C VAL A 156 42.62 -21.74 -3.74
N ASN A 157 42.61 -21.22 -2.50
CA ASN A 157 43.75 -20.51 -1.92
C ASN A 157 44.63 -21.36 -0.99
N VAL A 158 44.03 -22.23 -0.17
CA VAL A 158 44.80 -22.92 0.86
C VAL A 158 44.22 -24.31 1.03
N GLY A 159 43.67 -24.87 -0.06
CA GLY A 159 42.99 -26.15 -0.03
C GLY A 159 43.29 -27.01 -1.24
N CYS A 160 42.24 -27.51 -1.91
CA CYS A 160 42.42 -28.54 -2.95
C CYS A 160 43.44 -28.14 -4.01
N ILE A 161 43.41 -26.89 -4.45
CA ILE A 161 44.23 -26.47 -5.60
C ILE A 161 45.72 -26.52 -5.24
N PRO A 162 46.22 -25.74 -4.26
CA PRO A 162 47.66 -25.82 -3.96
C PRO A 162 48.11 -27.18 -3.44
N LYS A 163 47.25 -27.88 -2.69
CA LYS A 163 47.73 -29.18 -2.19
C LYS A 163 47.87 -30.21 -3.31
N LYS A 164 47.00 -30.19 -4.33
CA LYS A 164 47.17 -31.16 -5.42
C LYS A 164 48.34 -30.78 -6.33
N LEU A 165 48.63 -29.49 -6.48
CA LEU A 165 49.83 -29.08 -7.21
C LEU A 165 51.11 -29.51 -6.49
N MET A 166 51.14 -29.41 -5.16
CA MET A 166 52.32 -29.89 -4.45
C MET A 166 52.40 -31.42 -4.47
N HIS A 167 51.24 -32.09 -4.38
CA HIS A 167 51.18 -33.54 -4.58
C HIS A 167 51.79 -33.93 -5.91
N GLN A 168 51.44 -33.19 -6.98
CA GLN A 168 52.03 -33.46 -8.29
C GLN A 168 53.54 -33.27 -8.29
N ALA A 169 54.04 -32.22 -7.60
CA ALA A 169 55.49 -32.06 -7.50
C ALA A 169 56.11 -33.27 -6.80
N GLY A 170 55.41 -33.84 -5.82
CA GLY A 170 55.91 -35.04 -5.16
C GLY A 170 55.91 -36.23 -6.10
N LEU A 171 54.83 -36.41 -6.87
CA LEU A 171 54.73 -37.54 -7.80
C LEU A 171 55.84 -37.52 -8.83
N LEU A 172 56.28 -36.32 -9.21
CA LEU A 172 57.32 -36.22 -10.21
C LEU A 172 58.66 -36.77 -9.72
N SER A 173 58.90 -36.82 -8.40
CA SER A 173 60.15 -37.41 -7.91
C SER A 173 60.29 -38.86 -8.37
N HIS A 174 59.20 -39.63 -8.23
CA HIS A 174 59.22 -41.04 -8.61
C HIS A 174 59.17 -41.22 -10.12
N ALA A 175 58.49 -40.32 -10.84
CA ALA A 175 58.60 -40.34 -12.29
C ALA A 175 60.05 -40.17 -12.75
N LEU A 176 60.81 -39.32 -12.04
CA LEU A 176 62.22 -39.12 -12.36
C LEU A 176 63.03 -40.41 -12.18
N GLU A 177 62.77 -41.15 -11.08
CA GLU A 177 63.40 -42.45 -10.91
C GLU A 177 62.94 -43.44 -11.97
N ASP A 178 61.63 -43.51 -12.22
CA ASP A 178 61.12 -44.48 -13.19
C ASP A 178 61.76 -44.26 -14.56
N ALA A 179 62.18 -43.03 -14.84
CA ALA A 179 62.65 -42.69 -16.18
C ALA A 179 63.87 -43.50 -16.57
N GLU A 180 64.79 -43.75 -15.62
CA GLU A 180 66.02 -44.45 -15.96
C GLU A 180 65.73 -45.87 -16.43
N HIS A 181 64.77 -46.55 -15.80
CA HIS A 181 64.43 -47.91 -16.20
C HIS A 181 63.77 -47.94 -17.57
N PHE A 182 62.99 -46.93 -17.91
CA PHE A 182 62.44 -46.87 -19.26
C PHE A 182 63.45 -46.38 -20.29
N GLY A 183 64.71 -46.20 -19.89
CA GLY A 183 65.79 -45.93 -20.81
C GLY A 183 66.27 -44.50 -20.95
N TRP A 184 65.86 -43.58 -20.06
CA TRP A 184 66.37 -42.21 -20.11
C TRP A 184 67.67 -42.07 -19.30
N SER A 185 68.53 -41.14 -19.73
CA SER A 185 69.91 -41.09 -19.26
C SER A 185 70.12 -40.33 -17.96
N LEU A 186 69.11 -39.64 -17.43
CA LEU A 186 69.30 -38.85 -16.21
C LEU A 186 69.69 -39.74 -15.02
N ASP A 187 70.27 -39.09 -14.01
CA ASP A 187 70.67 -39.73 -12.75
C ASP A 187 69.89 -39.08 -11.61
N ARG A 188 68.86 -39.78 -11.12
CA ARG A 188 67.96 -39.23 -10.11
C ARG A 188 68.70 -38.81 -8.84
N SER A 189 69.78 -39.52 -8.48
CA SER A 189 70.46 -39.21 -7.22
C SER A 189 71.21 -37.87 -7.24
N LYS A 190 71.32 -37.21 -8.39
CA LYS A 190 71.99 -35.92 -8.46
C LYS A 190 71.01 -34.75 -8.66
N ILE A 191 69.72 -34.96 -8.39
CA ILE A 191 68.68 -33.94 -8.64
C ILE A 191 68.02 -33.57 -7.33
N SER A 192 67.91 -32.27 -7.08
CA SER A 192 67.33 -31.74 -5.87
C SER A 192 66.07 -30.94 -6.20
N HIS A 193 65.32 -30.60 -5.15
CA HIS A 193 64.10 -29.81 -5.27
C HIS A 193 64.28 -28.44 -4.63
N ASN A 194 63.73 -27.41 -5.29
CA ASN A 194 63.78 -26.03 -4.79
C ASN A 194 62.37 -25.63 -4.37
N TRP A 195 62.16 -25.51 -3.06
CA TRP A 195 60.82 -25.22 -2.53
C TRP A 195 60.30 -23.89 -3.06
N SER A 196 61.10 -22.82 -2.93
CA SER A 196 60.57 -21.50 -3.25
C SER A 196 60.18 -21.40 -4.72
N THR A 197 60.97 -22.01 -5.61
CA THR A 197 60.57 -22.08 -7.02
C THR A 197 59.20 -22.73 -7.19
N MET A 198 58.92 -23.78 -6.42
CA MET A 198 57.62 -24.44 -6.54
C MET A 198 56.49 -23.55 -6.01
N VAL A 199 56.68 -22.93 -4.84
CA VAL A 199 55.64 -22.07 -4.26
C VAL A 199 55.36 -20.88 -5.18
N GLU A 200 56.39 -20.37 -5.85
CA GLU A 200 56.17 -19.24 -6.78
C GLU A 200 55.23 -19.64 -7.90
N GLY A 201 55.43 -20.82 -8.49
CA GLY A 201 54.54 -21.28 -9.54
C GLY A 201 53.14 -21.57 -9.07
N VAL A 202 53.02 -22.24 -7.91
CA VAL A 202 51.70 -22.47 -7.31
C VAL A 202 50.99 -21.14 -7.10
N GLN A 203 51.67 -20.18 -6.48
CA GLN A 203 51.03 -18.92 -6.12
C GLN A 203 50.64 -18.10 -7.35
N SER A 204 51.40 -18.23 -8.44
CA SER A 204 51.06 -17.51 -9.66
C SER A 204 49.76 -18.04 -10.24
N HIS A 205 49.56 -19.37 -10.19
CA HIS A 205 48.29 -19.93 -10.62
C HIS A 205 47.16 -19.48 -9.71
N ILE A 206 47.39 -19.49 -8.40
CA ILE A 206 46.35 -19.06 -7.46
C ILE A 206 45.93 -17.62 -7.75
N GLY A 207 46.91 -16.74 -8.00
CA GLY A 207 46.59 -15.36 -8.28
C GLY A 207 45.75 -15.19 -9.53
N SER A 208 46.02 -16.03 -10.55
CA SER A 208 45.21 -16.00 -11.75
C SER A 208 43.78 -16.49 -11.48
N LEU A 209 43.58 -17.34 -10.48
CA LEU A 209 42.21 -17.66 -10.07
C LEU A 209 41.57 -16.49 -9.31
N ASN A 210 42.29 -15.88 -8.35
CA ASN A 210 41.77 -14.68 -7.69
C ASN A 210 41.24 -13.67 -8.71
N TRP A 211 42.07 -13.34 -9.71
CA TRP A 211 41.69 -12.35 -10.72
C TRP A 211 40.52 -12.82 -11.57
N GLY A 212 40.57 -14.08 -12.03
CA GLY A 212 39.47 -14.63 -12.80
C GLY A 212 38.13 -14.48 -12.12
N TYR A 213 38.09 -14.73 -10.80
CA TYR A 213 36.81 -14.59 -10.08
C TYR A 213 36.33 -13.14 -10.05
N LYS A 214 37.24 -12.19 -9.84
CA LYS A 214 36.81 -10.78 -9.85
C LYS A 214 36.29 -10.37 -11.22
N VAL A 215 36.90 -10.89 -12.29
CA VAL A 215 36.39 -10.62 -13.64
C VAL A 215 35.03 -11.27 -13.84
N ALA A 216 34.85 -12.50 -13.36
CA ALA A 216 33.57 -13.19 -13.51
C ALA A 216 32.44 -12.44 -12.82
N LEU A 217 32.68 -11.88 -11.63
CA LEU A 217 31.61 -11.16 -10.94
C LEU A 217 31.29 -9.86 -11.65
N ARG A 218 32.33 -9.10 -12.03
CA ARG A 218 32.13 -7.92 -12.87
C ARG A 218 31.27 -8.24 -14.08
N ASP A 219 31.66 -9.23 -14.87
CA ASP A 219 30.96 -9.55 -16.11
C ASP A 219 29.55 -10.10 -15.89
N ASN A 220 29.18 -10.50 -14.67
CA ASN A 220 27.81 -10.92 -14.37
C ASN A 220 27.02 -9.85 -13.62
N GLN A 221 27.56 -8.64 -13.48
CA GLN A 221 26.88 -7.53 -12.81
C GLN A 221 26.65 -7.82 -11.33
N VAL A 222 27.56 -8.57 -10.70
CA VAL A 222 27.51 -8.85 -9.26
C VAL A 222 28.39 -7.83 -8.54
N THR A 223 27.87 -7.23 -7.48
CA THR A 223 28.67 -6.32 -6.67
C THR A 223 29.58 -7.11 -5.75
N TYR A 224 30.90 -6.96 -5.89
CA TYR A 224 31.84 -7.62 -4.98
C TYR A 224 32.30 -6.61 -3.93
N LEU A 225 32.07 -6.94 -2.66
CA LEU A 225 32.50 -6.11 -1.54
C LEU A 225 33.50 -6.90 -0.72
N ASN A 226 34.73 -6.38 -0.64
CA ASN A 226 35.78 -6.98 0.17
C ASN A 226 35.64 -6.47 1.60
N ALA A 227 34.67 -7.03 2.32
CA ALA A 227 34.30 -6.57 3.65
C ALA A 227 33.80 -7.76 4.47
N LYS A 228 33.80 -7.60 5.79
CA LYS A 228 33.26 -8.61 6.69
C LYS A 228 31.78 -8.35 6.97
N GLY A 229 30.97 -9.40 6.84
CA GLY A 229 29.52 -9.28 6.97
C GLY A 229 28.99 -9.95 8.22
N ARG A 230 27.91 -9.38 8.77
CA ARG A 230 27.25 -9.91 9.96
C ARG A 230 25.75 -9.73 9.82
N LEU A 231 25.00 -10.83 9.90
CA LEU A 231 23.54 -10.77 9.80
C LEU A 231 22.99 -10.32 11.16
N ILE A 232 22.40 -9.12 11.21
CA ILE A 232 21.91 -8.57 12.47
C ILE A 232 20.39 -8.65 12.58
N SER A 233 19.69 -8.87 11.46
CA SER A 233 18.26 -9.19 11.46
C SER A 233 17.99 -9.92 10.15
N PRO A 234 16.80 -10.52 10.00
CA PRO A 234 16.59 -11.40 8.83
C PRO A 234 16.91 -10.79 7.49
N HIS A 235 16.86 -9.46 7.36
CA HIS A 235 17.13 -8.81 6.09
C HIS A 235 18.26 -7.80 6.14
N GLU A 236 18.98 -7.69 7.26
CA GLU A 236 19.95 -6.59 7.48
C GLU A 236 21.35 -7.15 7.69
N VAL A 237 22.28 -6.79 6.80
CA VAL A 237 23.66 -7.26 6.88
C VAL A 237 24.55 -6.06 7.18
N GLN A 238 25.21 -6.12 8.33
CA GLN A 238 26.19 -5.10 8.68
C GLN A 238 27.54 -5.47 8.06
N ILE A 239 28.20 -4.49 7.44
CA ILE A 239 29.49 -4.70 6.77
C ILE A 239 30.55 -3.84 7.43
N THR A 240 31.80 -4.29 7.34
CA THR A 240 32.96 -3.54 7.81
C THR A 240 34.04 -3.63 6.74
N ASP A 241 34.34 -2.50 6.09
CA ASP A 241 35.31 -2.50 5.00
C ASP A 241 36.74 -2.43 5.55
N LYS A 242 37.72 -2.35 4.64
CA LYS A 242 39.13 -2.41 5.02
C LYS A 242 39.64 -1.10 5.60
N ASN A 243 38.75 -0.15 5.88
CA ASN A 243 39.07 1.04 6.65
C ASN A 243 38.28 1.09 7.96
N GLN A 244 37.66 -0.02 8.34
CA GLN A 244 36.82 -0.16 9.52
C GLN A 244 35.56 0.70 9.44
N LYS A 245 35.19 1.17 8.24
CA LYS A 245 33.94 1.88 8.08
C LYS A 245 32.78 0.88 8.14
N VAL A 246 31.78 1.17 8.97
CA VAL A 246 30.66 0.26 9.20
C VAL A 246 29.40 0.85 8.58
N SER A 247 28.61 0.00 7.94
CA SER A 247 27.35 0.41 7.32
C SER A 247 26.45 -0.83 7.21
N THR A 248 25.23 -0.63 6.68
CA THR A 248 24.21 -1.68 6.67
C THR A 248 23.56 -1.75 5.29
N ILE A 249 23.56 -2.94 4.69
CA ILE A 249 22.86 -3.20 3.43
C ILE A 249 21.73 -4.20 3.70
N THR A 250 20.66 -4.08 2.93
CA THR A 250 19.51 -4.96 3.05
C THR A 250 19.39 -5.87 1.83
N GLY A 251 18.86 -7.07 2.07
CA GLY A 251 18.61 -8.01 0.99
C GLY A 251 17.37 -8.84 1.28
N ASN A 252 16.68 -9.18 0.19
CA ASN A 252 15.51 -10.05 0.28
C ASN A 252 15.91 -11.44 0.78
N LYS A 253 16.63 -12.19 -0.04
CA LYS A 253 17.20 -13.49 0.33
C LYS A 253 18.64 -13.36 0.79
N ILE A 254 19.01 -14.19 1.77
CA ILE A 254 20.36 -14.23 2.35
C ILE A 254 20.91 -15.64 2.24
N ILE A 255 22.13 -15.78 1.72
CA ILE A 255 22.82 -17.07 1.71
C ILE A 255 24.08 -16.99 2.56
N LEU A 256 24.15 -17.84 3.58
CA LEU A 256 25.34 -17.93 4.43
C LEU A 256 26.31 -18.97 3.85
N ALA A 257 27.55 -18.56 3.57
CA ALA A 257 28.51 -19.43 2.89
C ALA A 257 29.93 -19.10 3.34
N THR A 258 30.16 -19.08 4.66
CA THR A 258 31.38 -18.55 5.27
C THR A 258 32.43 -19.61 5.62
N GLY A 259 32.17 -20.90 5.41
CA GLY A 259 33.26 -21.87 5.54
C GLY A 259 33.76 -22.05 6.98
N GLU A 260 34.92 -22.69 7.08
CA GLU A 260 35.59 -23.01 8.34
C GLU A 260 37.05 -22.56 8.28
N ARG A 261 37.71 -22.61 9.43
CA ARG A 261 39.14 -22.37 9.51
C ARG A 261 39.77 -23.43 10.41
N PRO A 262 41.10 -23.59 10.37
CA PRO A 262 41.76 -24.65 11.15
C PRO A 262 41.67 -24.44 12.67
N LYS A 263 41.58 -25.56 13.38
CA LYS A 263 41.66 -25.60 14.84
C LYS A 263 43.10 -25.72 15.33
N TYR A 264 43.38 -25.11 16.53
CA TYR A 264 44.62 -25.34 17.29
C TYR A 264 44.32 -26.08 18.59
N PRO A 265 45.20 -26.96 19.05
CA PRO A 265 45.01 -27.55 20.38
C PRO A 265 45.37 -26.56 21.47
N GLU A 266 44.73 -26.71 22.62
CA GLU A 266 44.90 -25.77 23.74
C GLU A 266 46.11 -26.19 24.56
N ILE A 267 47.29 -25.85 24.05
CA ILE A 267 48.56 -26.14 24.72
C ILE A 267 49.49 -24.96 24.53
N PRO A 268 50.44 -24.78 25.47
CA PRO A 268 51.42 -23.67 25.31
C PRO A 268 52.26 -23.84 24.05
N GLY A 269 52.48 -22.72 23.37
CA GLY A 269 53.33 -22.69 22.20
C GLY A 269 52.66 -22.99 20.87
N ALA A 270 51.44 -23.54 20.88
CA ALA A 270 50.78 -23.93 19.63
C ALA A 270 50.58 -22.74 18.69
N VAL A 271 49.77 -21.77 19.11
CA VAL A 271 49.47 -20.60 18.29
C VAL A 271 50.72 -19.76 18.04
N GLU A 272 51.62 -19.71 19.00
CA GLU A 272 52.78 -18.85 18.86
C GLU A 272 53.83 -19.42 17.90
N TYR A 273 54.08 -20.73 17.95
CA TYR A 273 55.24 -21.26 17.23
C TYR A 273 54.93 -22.29 16.15
N GLY A 274 53.71 -22.83 16.11
CA GLY A 274 53.31 -23.73 15.04
C GLY A 274 52.52 -23.02 13.94
N ILE A 275 52.21 -23.77 12.87
CA ILE A 275 51.43 -23.28 11.74
C ILE A 275 50.34 -24.28 11.39
N THR A 276 49.49 -23.89 10.43
CA THR A 276 48.49 -24.77 9.85
C THR A 276 48.64 -24.79 8.32
N SER A 277 47.76 -25.56 7.69
CA SER A 277 47.71 -25.59 6.22
C SER A 277 47.45 -24.19 5.65
N ASP A 278 46.71 -23.35 6.37
CA ASP A 278 46.50 -21.96 5.93
C ASP A 278 47.83 -21.27 5.63
N ASP A 279 48.87 -21.59 6.39
CA ASP A 279 50.17 -20.96 6.20
C ASP A 279 51.08 -21.73 5.25
N LEU A 280 50.85 -23.04 5.11
CA LEU A 280 51.83 -23.90 4.43
C LEU A 280 51.96 -23.54 2.96
N PHE A 281 50.83 -23.29 2.29
CA PHE A 281 50.88 -23.23 0.84
C PHE A 281 51.52 -21.96 0.29
N SER A 282 51.86 -20.97 1.13
CA SER A 282 52.66 -19.83 0.68
C SER A 282 53.89 -19.59 1.56
N LEU A 283 54.28 -20.57 2.36
CA LEU A 283 55.45 -20.43 3.22
C LEU A 283 56.69 -20.06 2.40
N PRO A 284 57.44 -19.02 2.78
CA PRO A 284 58.59 -18.61 1.95
C PRO A 284 59.83 -19.49 2.04
N TYR A 285 59.98 -20.32 3.09
CA TYR A 285 61.10 -21.24 3.25
C TYR A 285 60.60 -22.68 3.26
N PHE A 286 61.47 -23.62 2.91
CA PHE A 286 61.14 -25.03 3.04
C PHE A 286 60.96 -25.35 4.53
N PRO A 287 59.91 -26.09 4.91
CA PRO A 287 59.69 -26.36 6.34
C PRO A 287 60.86 -27.05 7.06
N GLY A 288 61.68 -27.82 6.34
CA GLY A 288 62.72 -28.62 6.96
C GLY A 288 62.15 -29.80 7.74
N LYS A 289 62.89 -30.23 8.77
CA LYS A 289 62.41 -31.31 9.62
C LYS A 289 61.09 -30.91 10.28
N THR A 290 60.04 -31.70 10.02
CA THR A 290 58.66 -31.28 10.24
C THR A 290 57.89 -32.31 11.04
N LEU A 291 57.16 -31.84 12.04
CA LEU A 291 56.21 -32.69 12.75
C LEU A 291 54.79 -32.26 12.35
N VAL A 292 54.02 -33.20 11.84
CA VAL A 292 52.60 -32.99 11.55
C VAL A 292 51.79 -33.64 12.68
N ILE A 293 51.00 -32.84 13.39
CA ILE A 293 50.17 -33.31 14.49
C ILE A 293 48.75 -33.44 13.96
N GLY A 294 48.21 -34.66 14.02
CA GLY A 294 46.91 -34.97 13.44
C GLY A 294 46.99 -36.14 12.49
N ALA A 295 45.79 -36.58 12.05
CA ALA A 295 45.68 -37.79 11.25
C ALA A 295 44.53 -37.72 10.24
N SER A 296 44.03 -36.53 9.95
CA SER A 296 43.06 -36.28 8.91
C SER A 296 43.68 -36.44 7.52
N TYR A 297 42.84 -36.34 6.49
CA TYR A 297 43.37 -36.37 5.14
C TYR A 297 44.28 -35.17 4.89
N VAL A 298 43.99 -34.03 5.52
CA VAL A 298 44.90 -32.88 5.45
C VAL A 298 46.27 -33.25 6.00
N ALA A 299 46.29 -33.84 7.20
CA ALA A 299 47.54 -34.23 7.83
C ALA A 299 48.35 -35.18 6.93
N LEU A 300 47.71 -36.26 6.45
CA LEU A 300 48.46 -37.23 5.66
C LEU A 300 48.87 -36.68 4.30
N GLU A 301 48.02 -35.86 3.67
CA GLU A 301 48.37 -35.38 2.34
C GLU A 301 49.59 -34.46 2.40
N CYS A 302 49.61 -33.56 3.39
CA CYS A 302 50.75 -32.65 3.57
C CYS A 302 52.01 -33.41 3.98
N ALA A 303 51.91 -34.32 4.94
CA ALA A 303 53.10 -35.09 5.32
C ALA A 303 53.65 -35.83 4.12
N GLY A 304 52.76 -36.36 3.27
CA GLY A 304 53.20 -37.17 2.15
C GLY A 304 53.98 -36.40 1.10
N PHE A 305 53.48 -35.24 0.66
CA PHE A 305 54.26 -34.56 -0.37
C PHE A 305 55.52 -33.93 0.22
N LEU A 306 55.49 -33.48 1.47
CA LEU A 306 56.69 -32.92 2.09
C LEU A 306 57.82 -33.95 2.11
N ALA A 307 57.47 -35.23 2.30
CA ALA A 307 58.46 -36.30 2.31
C ALA A 307 59.01 -36.56 0.90
N SER A 308 58.14 -36.52 -0.12
CA SER A 308 58.60 -36.72 -1.49
C SER A 308 59.49 -35.58 -1.96
N LEU A 309 59.30 -34.38 -1.40
CA LEU A 309 60.13 -33.23 -1.74
C LEU A 309 61.39 -33.14 -0.86
N GLY A 310 61.79 -34.24 -0.19
CA GLY A 310 63.03 -34.28 0.53
C GLY A 310 62.95 -33.93 2.01
N GLY A 311 61.76 -33.85 2.58
CA GLY A 311 61.62 -33.49 3.99
C GLY A 311 61.74 -34.69 4.93
N ASP A 312 62.21 -34.40 6.14
CA ASP A 312 62.30 -35.35 7.26
C ASP A 312 61.02 -35.18 8.06
N VAL A 313 60.07 -36.09 7.88
CA VAL A 313 58.69 -35.86 8.30
C VAL A 313 58.25 -36.91 9.31
N THR A 314 57.58 -36.44 10.38
CA THR A 314 56.95 -37.31 11.36
C THR A 314 55.50 -36.88 11.52
N VAL A 315 54.60 -37.86 11.70
CA VAL A 315 53.18 -37.62 11.95
C VAL A 315 52.85 -38.18 13.34
N MET A 316 52.26 -37.35 14.19
CA MET A 316 51.91 -37.74 15.55
C MET A 316 50.41 -38.04 15.60
N VAL A 317 50.08 -39.30 15.88
CA VAL A 317 48.72 -39.84 15.70
C VAL A 317 48.11 -40.10 17.07
N ARG A 318 47.00 -39.41 17.36
CA ARG A 318 46.33 -39.58 18.66
C ARG A 318 45.79 -41.01 18.82
N SER A 319 45.01 -41.48 17.84
CA SER A 319 44.41 -42.80 17.90
C SER A 319 44.57 -43.51 16.56
N ILE A 320 43.74 -43.17 15.58
CA ILE A 320 43.73 -43.88 14.30
C ILE A 320 43.91 -42.87 13.16
N LEU A 321 44.24 -43.38 11.98
CA LEU A 321 44.33 -42.58 10.76
C LEU A 321 42.96 -42.49 10.09
N LEU A 322 42.66 -41.32 9.51
CA LEU A 322 41.47 -41.17 8.67
C LEU A 322 40.22 -41.71 9.38
N ARG A 323 39.96 -41.20 10.58
CA ARG A 323 38.73 -41.55 11.29
C ARG A 323 37.52 -41.23 10.41
N GLY A 324 36.59 -42.18 10.33
CA GLY A 324 35.41 -42.03 9.50
C GLY A 324 35.51 -42.63 8.10
N PHE A 325 36.70 -43.01 7.65
CA PHE A 325 36.89 -43.75 6.41
C PHE A 325 37.11 -45.23 6.73
N ASP A 326 36.93 -46.09 5.70
CA ASP A 326 37.18 -47.53 5.83
C ASP A 326 38.57 -47.76 6.43
N GLN A 327 38.64 -48.48 7.55
CA GLN A 327 39.89 -48.54 8.31
C GLN A 327 40.90 -49.52 7.71
N GLN A 328 40.44 -50.54 6.98
CA GLN A 328 41.40 -51.37 6.25
C GLN A 328 42.12 -50.54 5.19
N MET A 329 41.36 -49.77 4.40
CA MET A 329 41.99 -48.87 3.43
C MET A 329 42.89 -47.86 4.13
N ALA A 330 42.45 -47.34 5.28
CA ALA A 330 43.25 -46.34 5.99
C ALA A 330 44.62 -46.89 6.34
N GLU A 331 44.65 -48.12 6.85
CA GLU A 331 45.92 -48.71 7.28
C GLU A 331 46.83 -49.02 6.09
N LYS A 332 46.25 -49.45 4.96
CA LYS A 332 47.08 -49.65 3.77
C LYS A 332 47.68 -48.33 3.29
N VAL A 333 46.90 -47.24 3.36
CA VAL A 333 47.43 -45.92 3.05
C VAL A 333 48.62 -45.59 3.94
N GLY A 334 48.48 -45.82 5.25
CA GLY A 334 49.53 -45.45 6.17
C GLY A 334 50.76 -46.34 6.05
N ASP A 335 50.54 -47.65 5.89
CA ASP A 335 51.64 -48.58 5.69
C ASP A 335 52.52 -48.16 4.52
N TYR A 336 51.91 -47.71 3.42
CA TYR A 336 52.70 -47.33 2.26
C TYR A 336 53.54 -46.10 2.59
N MET A 337 52.95 -45.11 3.26
CA MET A 337 53.73 -43.93 3.66
C MET A 337 54.89 -44.31 4.56
N GLU A 338 54.66 -45.22 5.51
CA GLU A 338 55.73 -45.59 6.43
C GLU A 338 56.86 -46.32 5.71
N ASN A 339 56.54 -47.08 4.65
CA ASN A 339 57.58 -47.79 3.92
C ASN A 339 58.38 -46.87 3.02
N HIS A 340 57.84 -45.70 2.66
CA HIS A 340 58.50 -44.75 1.77
C HIS A 340 58.89 -43.47 2.49
N GLY A 341 59.35 -43.56 3.73
CA GLY A 341 59.92 -42.38 4.37
C GLY A 341 59.24 -41.84 5.63
N VAL A 342 57.90 -41.68 5.62
CA VAL A 342 57.23 -40.98 6.70
C VAL A 342 57.32 -41.76 8.00
N LYS A 343 57.72 -41.09 9.07
CA LYS A 343 57.74 -41.68 10.40
C LYS A 343 56.43 -41.37 11.12
N PHE A 344 56.01 -42.29 11.99
CA PHE A 344 54.76 -42.17 12.72
C PHE A 344 55.03 -42.32 14.21
N ALA A 345 54.49 -41.41 15.01
CA ALA A 345 54.52 -41.50 16.48
C ALA A 345 53.09 -41.82 16.91
N LYS A 346 52.83 -43.12 17.08
CA LYS A 346 51.48 -43.65 17.21
C LYS A 346 50.99 -43.60 18.65
N LEU A 347 49.68 -43.36 18.81
CA LEU A 347 49.02 -43.25 20.12
C LEU A 347 49.69 -42.18 20.99
N CYS A 348 49.80 -40.96 20.44
CA CYS A 348 50.62 -39.91 21.04
C CYS A 348 49.97 -38.54 20.86
N VAL A 349 50.08 -37.68 21.86
CA VAL A 349 49.48 -36.34 21.81
C VAL A 349 50.49 -35.31 22.29
N PRO A 350 50.41 -34.06 21.83
CA PRO A 350 51.39 -33.04 22.25
C PRO A 350 51.00 -32.31 23.52
N ASP A 351 51.98 -32.09 24.39
CA ASP A 351 51.77 -31.25 25.59
C ASP A 351 52.40 -29.87 25.41
N ILE A 353 54.95 -27.02 23.03
CA ILE A 353 55.94 -26.48 22.09
C ILE A 353 56.79 -25.37 22.68
N LYS A 354 58.11 -25.57 22.72
CA LYS A 354 59.05 -24.59 23.21
C LYS A 354 59.83 -24.01 22.03
N GLN A 355 60.11 -22.71 22.07
CA GLN A 355 60.87 -22.07 21.01
C GLN A 355 62.36 -22.05 21.35
N LEU A 356 63.17 -22.64 20.46
CA LEU A 356 64.61 -22.63 20.59
C LEU A 356 65.32 -21.68 19.63
N LYS A 357 64.71 -21.41 18.46
CA LYS A 357 65.17 -20.39 17.51
C LYS A 357 63.97 -19.71 16.87
N VAL A 358 64.01 -18.37 16.77
CA VAL A 358 62.99 -17.62 16.06
C VAL A 358 63.19 -17.78 14.55
N VAL A 359 62.09 -17.67 13.80
CA VAL A 359 62.16 -17.78 12.34
C VAL A 359 63.10 -16.71 11.80
N ASP A 360 64.02 -17.13 10.92
CA ASP A 360 65.00 -16.23 10.30
C ASP A 360 64.40 -15.67 9.02
N THR A 361 63.64 -14.58 9.15
CA THR A 361 62.93 -14.02 8.01
C THR A 361 63.90 -13.43 6.98
N GLU A 362 65.07 -12.97 7.41
CA GLU A 362 66.02 -12.36 6.48
C GLU A 362 66.68 -13.40 5.61
N ASN A 363 67.28 -14.42 6.22
CA ASN A 363 67.99 -15.49 5.50
C ASN A 363 67.05 -16.55 4.91
N ASN A 364 65.73 -16.41 5.09
CA ASN A 364 64.73 -17.32 4.51
C ASN A 364 64.90 -18.75 5.03
N LYS A 365 64.82 -18.90 6.34
CA LYS A 365 65.03 -20.16 7.03
C LYS A 365 63.99 -20.32 8.13
N PRO A 366 63.60 -21.53 8.45
CA PRO A 366 62.72 -21.74 9.60
C PRO A 366 63.51 -21.61 10.90
N GLY A 367 62.78 -21.55 12.02
CA GLY A 367 63.36 -21.58 13.33
C GLY A 367 63.63 -22.99 13.83
N LEU A 368 63.50 -23.18 15.14
CA LEU A 368 63.74 -24.49 15.76
C LEU A 368 62.89 -24.59 17.01
N LEU A 369 62.24 -25.74 17.20
CA LEU A 369 61.28 -25.91 18.27
C LEU A 369 61.53 -27.22 19.02
N LEU A 370 61.12 -27.24 20.29
CA LEU A 370 61.16 -28.46 21.09
C LEU A 370 59.72 -28.89 21.34
N VAL A 371 59.40 -30.13 20.97
CA VAL A 371 58.06 -30.66 21.15
C VAL A 371 58.12 -31.72 22.24
N LYS A 372 57.30 -31.54 23.27
CA LYS A 372 57.13 -32.51 24.35
C LYS A 372 55.69 -33.01 24.34
N GLY A 373 55.52 -34.32 24.48
CA GLY A 373 54.21 -34.93 24.56
C GLY A 373 54.23 -36.26 25.30
N HIS A 374 53.18 -37.09 25.15
CA HIS A 374 53.17 -38.38 25.83
C HIS A 374 52.32 -39.40 25.07
N TYR A 375 52.73 -40.66 25.18
CA TYR A 375 51.99 -41.79 24.63
C TYR A 375 50.88 -42.21 25.59
N THR A 376 49.93 -43.01 25.08
CA THR A 376 48.76 -43.28 25.90
C THR A 376 49.06 -44.19 27.08
N ASP A 377 50.21 -44.88 27.08
CA ASP A 377 50.64 -45.65 28.25
C ASP A 377 51.40 -44.78 29.25
N GLY A 378 51.60 -43.50 28.96
CA GLY A 378 52.28 -42.60 29.88
C GLY A 378 53.75 -42.36 29.59
N LYS A 379 54.38 -43.15 28.72
CA LYS A 379 55.75 -42.85 28.35
C LYS A 379 55.82 -41.49 27.64
N LYS A 380 57.01 -40.90 27.65
CA LYS A 380 57.18 -39.50 27.27
C LYS A 380 57.68 -39.38 25.84
N PHE A 381 57.19 -38.36 25.14
CA PHE A 381 57.69 -37.95 23.83
C PHE A 381 58.46 -36.64 24.01
N GLU A 382 59.66 -36.56 23.44
CA GLU A 382 60.45 -35.31 23.46
C GLU A 382 61.40 -35.27 22.27
N GLU A 383 61.23 -34.26 21.39
CA GLU A 383 61.98 -34.24 20.13
C GLU A 383 61.98 -32.84 19.52
N GLU A 384 63.07 -32.50 18.80
CA GLU A 384 63.24 -31.20 18.14
C GLU A 384 62.77 -31.21 16.68
N PHE A 385 62.14 -30.11 16.24
CA PHE A 385 61.70 -29.94 14.85
C PHE A 385 61.86 -28.48 14.42
N GLU A 386 61.98 -28.25 13.12
CA GLU A 386 62.02 -26.88 12.62
C GLU A 386 60.63 -26.31 12.35
N THR A 387 59.66 -27.15 11.97
CA THR A 387 58.30 -26.71 11.69
C THR A 387 57.30 -27.70 12.31
N VAL A 388 56.29 -27.18 12.99
CA VAL A 388 55.23 -27.99 13.60
C VAL A 388 53.91 -27.55 12.98
N ILE A 389 53.27 -28.46 12.23
CA ILE A 389 52.03 -28.19 11.52
C ILE A 389 50.87 -28.89 12.22
N PHE A 390 49.90 -28.11 12.69
CA PHE A 390 48.72 -28.66 13.34
C PHE A 390 47.65 -28.93 12.29
N ALA A 391 47.13 -30.17 12.28
CA ALA A 391 46.02 -30.57 11.42
C ALA A 391 45.04 -31.36 12.26
N VAL A 392 44.38 -30.67 13.20
CA VAL A 392 43.56 -31.35 14.20
C VAL A 392 42.09 -30.96 14.03
N GLY A 393 41.71 -30.63 12.81
CA GLY A 393 40.32 -30.40 12.46
C GLY A 393 40.08 -28.95 12.08
N ARG A 394 38.82 -28.68 11.73
CA ARG A 394 38.38 -27.37 11.27
C ARG A 394 37.00 -27.10 11.86
N GLU A 395 36.66 -25.81 11.97
CA GLU A 395 35.43 -25.43 12.66
C GLU A 395 34.95 -24.09 12.16
N PRO A 396 33.64 -23.86 12.15
CA PRO A 396 33.12 -22.52 11.83
C PRO A 396 33.10 -21.66 13.08
N GLN A 397 32.78 -20.41 12.90
CA GLN A 397 32.66 -19.54 14.05
C GLN A 397 31.52 -18.58 13.76
N LEU A 398 30.29 -19.10 13.77
CA LEU A 398 29.17 -18.30 13.32
C LEU A 398 28.83 -17.16 14.27
N SER A 399 29.32 -17.18 15.50
CA SER A 399 29.24 -16.01 16.39
C SER A 399 30.26 -14.95 16.01
N LYS A 400 30.30 -14.63 14.71
CA LYS A 400 31.13 -13.63 14.07
C LYS A 400 30.47 -13.28 12.74
N VAL A 401 29.50 -14.13 12.38
CA VAL A 401 28.72 -13.94 11.19
C VAL A 401 27.27 -13.62 11.51
N LEU A 402 26.78 -14.05 12.67
CA LEU A 402 25.35 -14.27 12.89
C LEU A 402 24.99 -13.89 14.32
N CYS A 403 24.20 -12.82 14.47
CA CYS A 403 23.70 -12.46 15.79
C CYS A 403 22.71 -13.49 16.29
N GLU A 404 22.83 -13.85 17.57
CA GLU A 404 21.95 -14.88 18.14
C GLU A 404 20.48 -14.49 18.06
N THR A 405 20.19 -13.18 18.17
CA THR A 405 18.81 -12.72 18.14
C THR A 405 18.12 -12.96 16.79
N VAL A 406 18.87 -13.15 15.71
CA VAL A 406 18.23 -13.33 14.40
C VAL A 406 17.34 -14.57 14.41
N GLY A 407 17.72 -15.60 15.15
CA GLY A 407 16.93 -16.81 15.25
C GLY A 407 17.36 -17.96 14.35
N VAL A 408 18.58 -17.93 13.82
CA VAL A 408 19.07 -19.03 12.99
C VAL A 408 19.59 -20.12 13.92
N LYS A 409 18.96 -21.30 13.87
CA LYS A 409 19.28 -22.38 14.78
C LYS A 409 20.59 -23.07 14.40
N LEU A 410 21.43 -23.36 15.42
CA LEU A 410 22.66 -24.12 15.24
C LEU A 410 22.61 -25.44 16.03
N ASP A 411 23.45 -26.40 15.61
CA ASP A 411 23.58 -27.69 16.28
C ASP A 411 24.74 -27.64 17.30
N LYS A 412 25.10 -28.79 17.89
CA LYS A 412 26.11 -28.83 18.95
C LYS A 412 27.50 -28.44 18.44
N ASN A 413 27.80 -28.68 17.17
CA ASN A 413 29.10 -28.35 16.59
C ASN A 413 29.17 -26.92 16.08
N GLY A 414 28.09 -26.17 16.16
CA GLY A 414 28.12 -24.80 15.68
C GLY A 414 27.80 -24.63 14.21
N ARG A 415 27.24 -25.65 13.56
CA ARG A 415 26.84 -25.56 12.17
C ARG A 415 25.34 -25.32 12.06
N VAL A 416 24.90 -24.86 10.88
CA VAL A 416 23.52 -24.42 10.68
C VAL A 416 22.61 -25.61 10.40
N VAL A 417 21.50 -25.69 11.12
CA VAL A 417 20.50 -26.73 10.90
C VAL A 417 19.58 -26.32 9.75
N CYS A 418 19.55 -27.14 8.69
CA CYS A 418 18.88 -26.77 7.45
C CYS A 418 17.89 -27.84 7.03
N THR A 419 16.79 -27.39 6.41
CA THR A 419 15.92 -28.31 5.68
C THR A 419 16.65 -28.85 4.45
N ASP A 420 16.04 -29.82 3.78
CA ASP A 420 16.71 -30.39 2.62
C ASP A 420 16.70 -29.45 1.41
N ASP A 421 16.14 -28.24 1.50
CA ASP A 421 16.33 -27.25 0.45
C ASP A 421 17.22 -26.11 0.92
N GLU A 422 18.06 -26.37 1.93
CA GLU A 422 19.04 -25.47 2.51
C GLU A 422 18.42 -24.33 3.32
N GLN A 423 17.12 -24.37 3.64
CA GLN A 423 16.50 -23.30 4.42
C GLN A 423 16.85 -23.42 5.90
N THR A 424 17.24 -22.30 6.53
CA THR A 424 17.42 -22.22 7.97
C THR A 424 16.07 -22.01 8.67
N THR A 425 16.11 -21.84 10.01
CA THR A 425 14.89 -21.61 10.79
C THR A 425 14.30 -20.21 10.56
N VAL A 426 14.97 -19.35 9.79
CA VAL A 426 14.48 -18.04 9.38
C VAL A 426 14.20 -18.10 7.88
N SER A 427 12.97 -17.77 7.49
CA SER A 427 12.41 -18.27 6.25
C SER A 427 13.18 -17.79 5.01
N ASN A 428 13.79 -16.61 5.08
CA ASN A 428 14.49 -16.05 3.93
C ASN A 428 16.00 -16.28 3.97
N VAL A 429 16.49 -17.07 4.92
CA VAL A 429 17.93 -17.23 5.10
C VAL A 429 18.30 -18.69 4.86
N TYR A 430 19.31 -18.92 4.03
CA TYR A 430 19.76 -20.24 3.63
C TYR A 430 21.23 -20.40 3.98
N ALA A 431 21.69 -21.65 3.98
CA ALA A 431 23.10 -21.96 4.25
C ALA A 431 23.57 -23.08 3.32
N ILE A 432 24.80 -22.95 2.81
CA ILE A 432 25.39 -23.91 1.88
C ILE A 432 26.83 -24.15 2.28
N GLY A 433 27.42 -25.23 1.77
CA GLY A 433 28.84 -25.46 1.95
C GLY A 433 29.17 -26.11 3.29
N ASP A 434 30.38 -25.85 3.78
CA ASP A 434 30.90 -26.56 4.96
C ASP A 434 30.03 -26.32 6.20
N ILE A 435 29.38 -25.15 6.32
CA ILE A 435 28.62 -24.84 7.53
C ILE A 435 27.22 -25.47 7.55
N ASN A 436 26.79 -26.13 6.47
CA ASN A 436 25.50 -26.81 6.47
C ASN A 436 25.64 -28.12 7.26
N ALA A 437 25.01 -28.21 8.43
CA ALA A 437 25.25 -29.35 9.32
C ALA A 437 24.91 -30.68 8.64
N GLY A 438 25.73 -31.69 8.93
CA GLY A 438 25.49 -33.04 8.45
C GLY A 438 25.85 -33.32 7.00
N LYS A 439 26.34 -32.29 6.20
CA LYS A 439 26.63 -32.51 4.80
C LYS A 439 28.11 -32.82 4.58
N PRO A 440 28.44 -33.65 3.57
CA PRO A 440 29.86 -33.82 3.21
C PRO A 440 30.48 -32.47 2.92
N GLN A 441 31.68 -32.24 3.45
CA GLN A 441 32.33 -30.94 3.36
C GLN A 441 33.35 -30.98 2.22
N LEU A 442 32.86 -30.73 1.01
CA LEU A 442 33.65 -30.88 -0.21
C LEU A 442 33.29 -29.76 -1.17
N THR A 443 34.24 -29.37 -1.99
CA THR A 443 34.00 -28.25 -2.89
C THR A 443 32.91 -28.53 -3.92
N PRO A 444 32.91 -29.67 -4.64
CA PRO A 444 31.85 -29.86 -5.63
C PRO A 444 30.48 -29.89 -5.03
N VAL A 445 30.36 -30.36 -3.79
CA VAL A 445 29.07 -30.33 -3.11
C VAL A 445 28.61 -28.90 -2.89
N ALA A 446 29.50 -28.05 -2.36
CA ALA A 446 29.10 -26.66 -2.14
C ALA A 446 28.68 -25.99 -3.45
N ILE A 447 29.40 -26.26 -4.53
CA ILE A 447 29.08 -25.67 -5.83
C ILE A 447 27.71 -26.12 -6.30
N GLN A 448 27.45 -27.44 -6.26
CA GLN A 448 26.13 -27.94 -6.62
C GLN A 448 25.04 -27.34 -5.75
N ALA A 449 25.27 -27.26 -4.43
CA ALA A 449 24.25 -26.72 -3.55
C ALA A 449 23.93 -25.27 -3.89
N GLY A 450 24.95 -24.43 -4.06
CA GLY A 450 24.70 -23.04 -4.41
C GLY A 450 24.00 -22.87 -5.75
N ARG A 451 24.42 -23.62 -6.78
CA ARG A 451 23.80 -23.43 -8.09
C ARG A 451 22.34 -23.86 -8.07
N TYR A 452 22.04 -25.01 -7.45
CA TYR A 452 20.65 -25.48 -7.42
C TYR A 452 19.79 -24.54 -6.58
N LEU A 453 20.32 -24.02 -5.48
CA LEU A 453 19.54 -23.08 -4.66
C LEU A 453 19.16 -21.82 -5.44
N ALA A 454 20.13 -21.22 -6.14
CA ALA A 454 19.85 -20.02 -6.95
C ALA A 454 18.74 -20.26 -7.96
N ARG A 455 18.79 -21.38 -8.67
CA ARG A 455 17.74 -21.72 -9.62
C ARG A 455 16.37 -21.82 -8.96
N ARG A 456 16.29 -22.43 -7.77
CA ARG A 456 15.00 -22.53 -7.10
C ARG A 456 14.50 -21.16 -6.62
N LEU A 457 15.41 -20.31 -6.13
CA LEU A 457 15.00 -18.99 -5.65
C LEU A 457 14.53 -18.08 -6.79
N PHE A 458 15.23 -18.11 -7.93
CA PHE A 458 15.06 -17.05 -8.92
C PHE A 458 14.58 -17.50 -10.30
N ALA A 459 14.45 -18.81 -10.54
CA ALA A 459 14.02 -19.33 -11.82
C ALA A 459 12.94 -20.39 -11.71
N GLY A 460 12.36 -20.60 -10.54
CA GLY A 460 11.29 -21.56 -10.42
C GLY A 460 11.70 -23.00 -10.53
N ALA A 461 12.99 -23.30 -10.47
CA ALA A 461 13.45 -24.69 -10.50
C ALA A 461 12.94 -25.44 -9.28
N THR A 462 12.87 -26.76 -9.40
CA THR A 462 12.50 -27.59 -8.27
C THR A 462 13.58 -28.56 -7.80
N GLU A 463 14.67 -28.71 -8.56
CA GLU A 463 15.63 -29.77 -8.28
C GLU A 463 16.39 -29.52 -6.98
N LEU A 464 16.45 -30.54 -6.15
CA LEU A 464 17.19 -30.52 -4.90
C LEU A 464 18.58 -31.12 -5.10
N THR A 465 19.52 -30.71 -4.23
CA THR A 465 20.83 -31.33 -4.21
C THR A 465 20.75 -32.70 -3.55
N ASP A 466 21.37 -33.71 -4.17
CA ASP A 466 21.42 -35.07 -3.64
C ASP A 466 22.78 -35.29 -2.97
N TYR A 467 22.80 -35.36 -1.64
CA TYR A 467 24.03 -35.47 -0.86
C TYR A 467 24.47 -36.91 -0.57
N SER A 468 23.84 -37.93 -1.16
CA SER A 468 24.13 -39.31 -0.80
C SER A 468 25.15 -39.94 -1.75
N ASN A 469 26.02 -40.81 -1.19
CA ASN A 469 27.04 -41.55 -1.95
C ASN A 469 27.94 -40.64 -2.78
N VAL A 470 28.34 -39.50 -2.21
CA VAL A 470 29.28 -38.61 -2.89
C VAL A 470 30.69 -39.18 -2.81
N ALA A 471 31.34 -39.36 -3.96
CA ALA A 471 32.66 -39.96 -3.99
C ALA A 471 33.74 -39.00 -3.47
N THR A 472 34.84 -39.57 -2.97
CA THR A 472 35.95 -38.85 -2.38
C THR A 472 37.27 -39.38 -2.93
N THR A 473 38.32 -38.58 -2.81
CA THR A 473 39.66 -39.10 -3.03
C THR A 473 40.62 -38.42 -2.09
N VAL A 474 41.43 -39.22 -1.39
CA VAL A 474 42.53 -38.77 -0.56
C VAL A 474 43.81 -38.85 -1.37
N PHE A 475 44.50 -37.70 -1.53
CA PHE A 475 45.67 -37.62 -2.42
C PHE A 475 46.98 -37.80 -1.65
N THR A 476 47.05 -38.88 -0.88
CA THR A 476 48.30 -39.34 -0.27
C THR A 476 49.25 -39.84 -1.37
N PRO A 477 50.53 -40.13 -1.04
CA PRO A 477 51.48 -40.55 -2.09
C PRO A 477 50.99 -41.72 -2.93
N LEU A 478 50.37 -42.73 -2.32
CA LEU A 478 49.51 -43.65 -3.06
C LEU A 478 48.06 -43.25 -2.78
N GLU A 479 47.33 -42.85 -3.83
CA GLU A 479 46.00 -42.27 -3.69
C GLU A 479 44.93 -43.30 -3.30
N TYR A 480 43.87 -42.82 -2.63
CA TYR A 480 42.77 -43.65 -2.12
C TYR A 480 41.41 -43.03 -2.49
N GLY A 481 40.69 -43.68 -3.39
CA GLY A 481 39.39 -43.21 -3.86
C GLY A 481 38.28 -44.08 -3.27
N ALA A 482 37.13 -43.47 -2.94
CA ALA A 482 36.02 -44.24 -2.43
C ALA A 482 34.69 -43.65 -2.86
N CYS A 483 33.67 -44.49 -2.91
CA CYS A 483 32.28 -44.05 -3.09
C CYS A 483 31.36 -44.99 -2.35
N GLY A 484 30.64 -44.46 -1.35
CA GLY A 484 29.69 -45.24 -0.58
C GLY A 484 30.18 -45.68 0.78
N LEU A 485 29.63 -46.78 1.27
CA LEU A 485 29.86 -47.24 2.63
C LEU A 485 31.23 -47.88 2.79
N SER A 486 31.86 -47.64 3.94
CA SER A 486 32.98 -48.49 4.32
C SER A 486 32.48 -49.89 4.66
N GLU A 487 33.42 -50.85 4.69
CA GLU A 487 33.06 -52.23 4.94
C GLU A 487 32.46 -52.39 6.34
N GLU A 488 33.07 -51.77 7.35
CA GLU A 488 32.57 -51.88 8.71
C GLU A 488 31.22 -51.18 8.87
N ASP A 489 30.96 -50.12 8.09
CA ASP A 489 29.64 -49.50 8.18
C ASP A 489 28.58 -50.37 7.53
N ALA A 490 28.91 -51.03 6.42
CA ALA A 490 27.95 -51.94 5.80
C ALA A 490 27.56 -53.06 6.75
N ILE A 491 28.55 -53.62 7.46
CA ILE A 491 28.29 -54.77 8.32
C ILE A 491 27.42 -54.36 9.51
N GLU A 492 27.73 -53.21 10.13
CA GLU A 492 26.92 -52.73 11.25
C GLU A 492 25.47 -52.53 10.84
N LYS A 493 25.22 -52.02 9.63
CA LYS A 493 23.88 -51.65 9.23
C LYS A 493 23.06 -52.87 8.80
N TYR A 494 23.69 -53.90 8.24
CA TYR A 494 22.96 -54.99 7.64
C TYR A 494 23.26 -56.37 8.22
N GLY A 495 24.34 -56.54 8.96
CA GLY A 495 24.80 -57.81 9.50
C GLY A 495 25.82 -58.49 8.58
N ASP A 496 26.80 -59.14 9.20
CA ASP A 496 27.88 -59.78 8.43
C ASP A 496 27.35 -60.82 7.44
N LYS A 497 26.29 -61.53 7.79
CA LYS A 497 25.83 -62.58 6.91
C LYS A 497 25.23 -62.03 5.61
N ASP A 498 24.75 -60.78 5.58
CA ASP A 498 24.18 -60.14 4.40
C ASP A 498 25.22 -59.33 3.60
N ILE A 499 26.50 -59.35 3.99
CA ILE A 499 27.53 -58.55 3.33
C ILE A 499 28.54 -59.50 2.70
N GLU A 500 28.86 -59.26 1.42
CA GLU A 500 29.87 -60.01 0.69
C GLU A 500 30.86 -59.01 0.11
N VAL A 501 32.16 -59.31 0.22
CA VAL A 501 33.21 -58.41 -0.23
C VAL A 501 34.06 -59.10 -1.27
N TYR A 502 34.13 -58.54 -2.49
CA TYR A 502 35.04 -59.01 -3.51
C TYR A 502 36.27 -58.10 -3.56
N HIS A 503 37.47 -58.69 -3.66
CA HIS A 503 38.67 -57.86 -3.59
C HIS A 503 39.82 -58.50 -4.37
N SER A 504 40.86 -57.69 -4.61
CA SER A 504 42.02 -58.12 -5.37
C SER A 504 43.13 -57.09 -5.23
N ASN A 505 44.37 -57.56 -5.10
CA ASN A 505 45.52 -56.72 -5.33
C ASN A 505 45.70 -56.52 -6.83
N PHE A 506 46.48 -55.50 -7.20
CA PHE A 506 46.86 -55.33 -8.60
C PHE A 506 48.16 -54.55 -8.70
N LYS A 507 48.78 -54.61 -9.88
CA LYS A 507 50.03 -53.94 -10.17
C LYS A 507 49.82 -53.11 -11.43
N PRO A 508 50.03 -51.79 -11.39
CA PRO A 508 49.99 -50.99 -12.62
C PRO A 508 51.04 -51.50 -13.61
N LEU A 509 50.66 -51.55 -14.89
CA LEU A 509 51.63 -51.95 -15.91
C LEU A 509 52.86 -51.03 -15.90
N GLU A 510 52.64 -49.73 -15.64
CA GLU A 510 53.75 -48.78 -15.55
C GLU A 510 54.73 -49.12 -14.44
N TRP A 511 54.33 -49.93 -13.44
CA TRP A 511 55.25 -50.27 -12.37
C TRP A 511 56.15 -51.47 -12.69
N THR A 512 55.90 -52.16 -13.81
CA THR A 512 56.64 -53.40 -14.09
C THR A 512 58.09 -53.10 -14.44
N VAL A 513 58.30 -52.28 -15.47
CA VAL A 513 59.66 -51.99 -15.91
C VAL A 513 60.39 -51.17 -14.87
N ALA A 514 59.65 -50.37 -14.08
CA ALA A 514 60.26 -49.54 -13.05
C ALA A 514 60.56 -50.31 -11.76
N HIS A 515 60.20 -51.58 -11.71
CA HIS A 515 60.46 -52.44 -10.54
C HIS A 515 59.79 -51.90 -9.29
N GLU A 517 56.52 -52.28 -6.56
CA GLU A 517 55.93 -53.29 -5.66
C GLU A 517 54.78 -54.07 -6.30
N ASP A 518 54.72 -55.38 -6.01
CA ASP A 518 53.77 -56.26 -6.71
C ASP A 518 52.36 -56.21 -6.09
N ASN A 519 52.23 -56.12 -4.77
CA ASN A 519 50.93 -56.34 -4.14
C ASN A 519 50.65 -55.26 -3.12
N VAL A 520 50.78 -54.00 -3.51
CA VAL A 520 50.42 -52.88 -2.67
C VAL A 520 49.09 -52.27 -3.10
N CYS A 521 48.89 -52.05 -4.39
CA CYS A 521 47.60 -51.55 -4.84
C CYS A 521 46.51 -52.60 -4.58
N TYR A 522 45.31 -52.12 -4.30
CA TYR A 522 44.24 -52.95 -3.74
C TYR A 522 42.89 -52.34 -4.10
N MET A 523 41.89 -53.18 -4.31
CA MET A 523 40.52 -52.67 -4.49
C MET A 523 39.50 -53.70 -4.01
N LYS A 524 38.33 -53.20 -3.60
CA LYS A 524 37.24 -54.07 -3.17
C LYS A 524 35.89 -53.42 -3.50
N LEU A 525 34.89 -54.29 -3.65
CA LEU A 525 33.47 -53.92 -3.74
C LEU A 525 32.75 -54.57 -2.56
N VAL A 526 32.10 -53.75 -1.73
CA VAL A 526 31.30 -54.20 -0.60
C VAL A 526 29.85 -54.28 -1.04
N CYS A 527 29.25 -55.49 -1.01
CA CYS A 527 27.97 -55.75 -1.65
C CYS A 527 26.96 -56.33 -0.65
N ARG A 528 25.67 -56.11 -0.92
CA ARG A 528 24.58 -56.61 -0.07
C ARG A 528 23.91 -57.81 -0.74
N LYS A 529 24.02 -58.98 -0.11
CA LYS A 529 23.52 -60.21 -0.72
C LYS A 529 22.01 -60.19 -0.94
N SER A 530 21.24 -59.77 0.09
CA SER A 530 19.78 -59.86 -0.03
C SER A 530 19.18 -58.79 -0.94
N ASP A 531 19.98 -57.89 -1.53
CA ASP A 531 19.46 -56.91 -2.47
C ASP A 531 20.16 -57.09 -3.81
N ASN A 532 20.15 -58.30 -4.35
CA ASN A 532 20.72 -58.63 -5.66
C ASN A 532 22.20 -58.24 -5.77
N MET A 533 22.92 -58.37 -4.65
CA MET A 533 24.35 -58.09 -4.59
C MET A 533 24.64 -56.63 -4.98
N ARG A 534 23.81 -55.72 -4.45
CA ARG A 534 23.96 -54.30 -4.73
C ARG A 534 25.29 -53.80 -4.20
N VAL A 535 25.97 -52.95 -4.98
CA VAL A 535 27.26 -52.39 -4.56
C VAL A 535 26.97 -51.27 -3.56
N LEU A 536 27.35 -51.50 -2.30
CA LEU A 536 27.17 -50.52 -1.24
C LEU A 536 28.36 -49.58 -1.08
N GLY A 537 29.56 -50.07 -1.43
CA GLY A 537 30.78 -49.28 -1.38
C GLY A 537 31.80 -49.79 -2.38
N LEU A 538 32.55 -48.86 -2.99
CA LEU A 538 33.72 -49.13 -3.83
C LEU A 538 34.94 -48.46 -3.19
N HIS A 539 36.09 -49.13 -3.25
CA HIS A 539 37.31 -48.63 -2.64
C HIS A 539 38.51 -49.02 -3.50
N VAL A 540 39.41 -48.07 -3.76
CA VAL A 540 40.61 -48.35 -4.54
C VAL A 540 41.79 -47.55 -4.01
N LEU A 541 42.92 -48.22 -3.83
CA LEU A 541 44.20 -47.64 -3.46
C LEU A 541 45.15 -47.85 -4.65
N GLY A 542 45.57 -46.76 -5.29
CA GLY A 542 46.41 -46.86 -6.45
C GLY A 542 46.58 -45.53 -7.16
N PRO A 543 47.40 -45.48 -8.20
CA PRO A 543 47.64 -44.20 -8.87
C PRO A 543 46.39 -43.75 -9.62
N ASN A 544 46.26 -42.42 -9.77
CA ASN A 544 45.10 -41.82 -10.43
C ASN A 544 43.78 -42.33 -9.85
N ALA A 545 43.73 -42.52 -8.52
CA ALA A 545 42.54 -43.12 -7.90
C ALA A 545 41.29 -42.27 -8.11
N GLY A 546 41.45 -40.94 -8.17
CA GLY A 546 40.31 -40.09 -8.40
C GLY A 546 39.74 -40.23 -9.81
N GLU A 547 40.63 -40.33 -10.81
CA GLU A 547 40.14 -40.59 -12.17
C GLU A 547 39.46 -41.97 -12.23
N ILE A 548 40.09 -42.99 -11.63
CA ILE A 548 39.48 -44.33 -11.58
C ILE A 548 38.07 -44.27 -11.00
N THR A 549 37.92 -43.59 -9.86
CA THR A 549 36.70 -43.69 -9.07
C THR A 549 35.53 -42.92 -9.67
N GLN A 550 35.79 -41.76 -10.30
CA GLN A 550 34.69 -40.84 -10.60
C GLN A 550 33.57 -41.51 -11.38
N GLY A 551 33.92 -42.28 -12.40
CA GLY A 551 32.89 -42.75 -13.30
C GLY A 551 32.00 -43.78 -12.65
N TYR A 552 32.56 -44.61 -11.78
CA TYR A 552 31.74 -45.57 -11.05
C TYR A 552 30.70 -44.87 -10.15
N ALA A 553 30.91 -43.60 -9.78
CA ALA A 553 29.94 -42.90 -8.95
C ALA A 553 28.61 -42.70 -9.67
N VAL A 554 28.64 -42.55 -11.00
CA VAL A 554 27.37 -42.52 -11.74
C VAL A 554 26.66 -43.87 -11.66
N ALA A 555 27.37 -44.97 -11.84
CA ALA A 555 26.71 -46.27 -11.76
C ALA A 555 26.19 -46.56 -10.35
N ILE A 556 26.92 -46.13 -9.31
CA ILE A 556 26.46 -46.35 -7.94
C ILE A 556 25.22 -45.50 -7.64
N LYS A 557 25.21 -44.25 -8.11
CA LYS A 557 24.01 -43.43 -8.03
C LYS A 557 22.82 -44.16 -8.59
N MET A 558 23.01 -44.88 -9.71
CA MET A 558 21.93 -45.59 -10.40
C MET A 558 21.58 -46.94 -9.80
N GLY A 559 22.26 -47.39 -8.75
CA GLY A 559 21.91 -48.67 -8.15
C GLY A 559 22.68 -49.88 -8.66
N ALA A 560 23.94 -49.70 -9.08
CA ALA A 560 24.71 -50.79 -9.66
C ALA A 560 24.78 -52.01 -8.75
N THR A 561 24.74 -53.20 -9.34
CA THR A 561 24.96 -54.48 -8.70
C THR A 561 26.27 -55.09 -9.20
N LYS A 562 26.69 -56.16 -8.52
CA LYS A 562 27.87 -56.89 -8.99
C LYS A 562 27.68 -57.41 -10.39
N ALA A 563 26.45 -57.80 -10.73
CA ALA A 563 26.16 -58.31 -12.08
C ALA A 563 26.41 -57.23 -13.15
N ASP A 564 26.10 -55.97 -12.83
CA ASP A 564 26.41 -54.87 -13.74
C ASP A 564 27.90 -54.67 -13.95
N PHE A 565 28.70 -54.80 -12.87
CA PHE A 565 30.15 -54.76 -13.03
C PHE A 565 30.65 -55.92 -13.88
N ASP A 566 30.06 -57.10 -13.69
CA ASP A 566 30.51 -58.31 -14.36
C ASP A 566 30.23 -58.28 -15.85
N ARG A 567 29.09 -57.72 -16.25
CA ARG A 567 28.70 -57.73 -17.65
C ARG A 567 29.37 -56.64 -18.46
N THR A 568 29.90 -55.60 -17.81
CA THR A 568 30.68 -54.55 -18.47
C THR A 568 32.11 -55.03 -18.75
N ILE A 569 32.63 -54.73 -19.95
CA ILE A 569 33.93 -55.23 -20.37
C ILE A 569 35.03 -54.22 -20.03
N GLY A 570 36.23 -54.73 -19.67
CA GLY A 570 37.32 -53.84 -19.33
C GLY A 570 37.95 -53.13 -20.53
N ILE A 571 38.59 -51.99 -20.23
CA ILE A 571 39.56 -51.33 -21.12
C ILE A 571 40.96 -51.80 -20.73
N HIS A 572 41.72 -52.33 -21.70
CA HIS A 572 43.07 -52.88 -21.48
C HIS A 572 44.14 -52.10 -22.25
N PRO A 573 45.28 -51.79 -21.61
CA PRO A 573 45.62 -52.04 -20.20
C PRO A 573 45.36 -50.82 -19.30
N THR A 574 44.58 -51.01 -18.22
CA THR A 574 44.30 -49.97 -17.24
C THR A 574 44.28 -50.58 -15.84
N CYS A 575 44.55 -49.73 -14.83
CA CYS A 575 44.28 -50.15 -13.46
C CYS A 575 42.81 -50.36 -13.23
N SER A 576 41.97 -49.49 -13.83
CA SER A 576 40.55 -49.50 -13.51
C SER A 576 39.85 -50.79 -13.94
N GLU A 577 40.30 -51.43 -15.05
CA GLU A 577 39.61 -52.62 -15.54
C GLU A 577 39.52 -53.74 -14.51
N THR A 578 40.41 -53.74 -13.50
CA THR A 578 40.36 -54.80 -12.49
C THR A 578 39.00 -54.86 -11.79
N PHE A 579 38.29 -53.74 -11.71
CA PHE A 579 36.95 -53.76 -11.16
C PHE A 579 35.97 -54.62 -11.97
N THR A 580 36.23 -54.87 -13.26
CA THR A 580 35.21 -55.56 -14.07
C THR A 580 35.32 -57.08 -13.99
N THR A 581 36.39 -57.64 -13.39
CA THR A 581 36.53 -59.09 -13.33
C THR A 581 36.77 -59.62 -11.89
N LEU A 582 36.27 -58.93 -10.86
CA LEU A 582 36.54 -59.34 -9.49
C LEU A 582 35.78 -60.64 -9.17
N HIS A 583 36.39 -61.52 -8.37
CA HIS A 583 35.75 -62.80 -8.08
C HIS A 583 36.19 -63.42 -6.74
N VAL A 584 37.30 -63.00 -6.15
CA VAL A 584 37.72 -63.55 -4.87
C VAL A 584 36.94 -62.85 -3.76
N THR A 585 36.25 -63.64 -2.93
CA THR A 585 35.51 -63.12 -1.78
C THR A 585 36.37 -63.22 -0.52
N LYS A 586 36.10 -62.32 0.44
CA LYS A 586 36.76 -62.42 1.73
C LYS A 586 36.32 -63.69 2.48
N LYS A 587 35.04 -64.06 2.37
CA LYS A 587 34.58 -65.27 3.05
C LYS A 587 35.26 -66.54 2.55
N SER A 588 35.65 -66.58 1.27
CA SER A 588 36.33 -67.76 0.75
C SER A 588 37.66 -67.99 1.46
N GLY A 589 38.29 -66.95 1.95
CA GLY A 589 39.64 -67.08 2.47
C GLY A 589 40.73 -67.18 1.42
N VAL A 590 40.39 -67.17 0.13
CA VAL A 590 41.40 -67.22 -0.92
C VAL A 590 42.21 -65.92 -0.91
N SER A 591 43.50 -66.04 -1.23
CA SER A 591 44.36 -64.86 -1.22
C SER A 591 44.00 -63.88 -2.34
N PRO A 592 43.99 -62.57 -2.05
CA PRO A 592 43.79 -61.58 -3.11
C PRO A 592 45.04 -61.22 -3.91
N ILE A 593 46.22 -61.81 -3.60
CA ILE A 593 47.43 -61.43 -4.35
C ILE A 593 47.31 -61.87 -5.81
N VAL A 594 48.19 -61.32 -6.64
CA VAL A 594 48.09 -61.55 -8.08
C VAL A 594 49.29 -62.34 -8.62
N GLY B 7 -69.30 29.27 -1.53
CA GLY B 7 -68.00 28.83 -1.99
C GLY B 7 -67.40 29.76 -3.05
N THR B 8 -68.00 29.79 -4.23
CA THR B 8 -67.61 30.79 -5.22
C THR B 8 -67.81 32.19 -4.67
N SER B 9 -68.91 32.40 -3.94
CA SER B 9 -69.19 33.70 -3.34
C SER B 9 -68.05 34.14 -2.43
N GLN B 10 -67.62 33.27 -1.52
CA GLN B 10 -66.59 33.65 -0.56
C GLN B 10 -65.23 33.85 -1.22
N TRP B 11 -64.94 33.08 -2.28
CA TRP B 11 -63.73 33.33 -3.04
C TRP B 11 -63.77 34.69 -3.71
N LEU B 12 -64.89 34.99 -4.40
CA LEU B 12 -64.98 36.26 -5.10
C LEU B 12 -64.84 37.43 -4.14
N ARG B 13 -65.52 37.38 -3.00
CA ARG B 13 -65.42 38.45 -2.01
C ARG B 13 -63.98 38.64 -1.54
N LYS B 14 -63.30 37.52 -1.24
CA LYS B 14 -61.91 37.60 -0.79
C LYS B 14 -61.02 38.23 -1.86
N THR B 15 -61.17 37.76 -3.11
CA THR B 15 -60.35 38.27 -4.21
C THR B 15 -60.56 39.77 -4.43
N VAL B 16 -61.81 40.22 -4.40
CA VAL B 16 -62.08 41.63 -4.67
C VAL B 16 -61.52 42.51 -3.55
N ASP B 17 -61.72 42.12 -2.29
CA ASP B 17 -61.32 42.98 -1.18
C ASP B 17 -59.80 43.15 -1.07
N SER B 18 -59.01 42.17 -1.52
CA SER B 18 -57.56 42.27 -1.29
C SER B 18 -56.76 42.63 -2.54
N ALA B 19 -57.25 42.32 -3.73
CA ALA B 19 -56.56 42.72 -4.96
C ALA B 19 -56.39 44.23 -5.02
N ALA B 20 -55.25 44.66 -5.57
CA ALA B 20 -54.99 46.08 -5.71
C ALA B 20 -55.69 46.64 -6.94
N VAL B 21 -55.48 46.01 -8.10
CA VAL B 21 -56.13 46.36 -9.35
C VAL B 21 -56.42 45.07 -10.10
N ILE B 22 -57.69 44.74 -10.33
CA ILE B 22 -58.03 43.47 -10.97
C ILE B 22 -59.15 43.66 -11.98
N LEU B 23 -58.98 43.04 -13.13
CA LEU B 23 -59.91 43.08 -14.25
C LEU B 23 -60.50 41.69 -14.43
N PHE B 24 -61.83 41.60 -14.37
CA PHE B 24 -62.52 40.37 -14.76
C PHE B 24 -62.85 40.46 -16.24
N SER B 25 -62.38 39.49 -17.01
CA SER B 25 -62.36 39.61 -18.47
C SER B 25 -62.79 38.30 -19.11
N LYS B 26 -62.82 38.32 -20.45
CA LYS B 26 -62.91 37.13 -21.29
C LYS B 26 -61.95 37.29 -22.45
N THR B 27 -61.28 36.20 -22.82
CA THR B 27 -60.27 36.27 -23.88
C THR B 27 -60.88 36.64 -25.21
N THR B 28 -62.17 36.31 -25.42
CA THR B 28 -62.83 36.51 -26.69
C THR B 28 -63.35 37.92 -26.88
N CYS B 29 -63.66 38.63 -25.78
CA CYS B 29 -64.39 39.90 -25.85
C CYS B 29 -63.48 41.03 -26.32
N PRO B 30 -63.85 41.76 -27.37
CA PRO B 30 -63.03 42.91 -27.80
C PRO B 30 -63.14 44.11 -26.88
N TYR B 31 -64.23 44.23 -26.10
CA TYR B 31 -64.32 45.33 -25.14
C TYR B 31 -63.29 45.17 -24.04
N CYS B 32 -62.96 43.93 -23.68
CA CYS B 32 -61.91 43.69 -22.70
C CYS B 32 -60.54 44.05 -23.27
N LYS B 33 -60.24 43.54 -24.47
CA LYS B 33 -59.00 43.87 -25.15
C LYS B 33 -58.80 45.39 -25.21
N LYS B 34 -59.87 46.12 -25.50
CA LYS B 34 -59.78 47.57 -25.56
C LYS B 34 -59.42 48.16 -24.19
N VAL B 35 -59.94 47.56 -23.12
CA VAL B 35 -59.65 48.05 -21.77
C VAL B 35 -58.22 47.71 -21.38
N LYS B 36 -57.76 46.48 -21.69
CA LYS B 36 -56.38 46.11 -21.35
C LYS B 36 -55.39 47.06 -22.01
N ASP B 37 -55.61 47.38 -23.29
CA ASP B 37 -54.67 48.23 -24.01
C ASP B 37 -54.57 49.61 -23.38
N VAL B 38 -55.69 50.12 -22.84
CA VAL B 38 -55.67 51.42 -22.16
C VAL B 38 -54.84 51.33 -20.88
N LEU B 39 -55.06 50.28 -20.09
CA LEU B 39 -54.30 50.12 -18.85
C LEU B 39 -52.81 49.96 -19.15
N ALA B 40 -52.47 49.25 -20.23
CA ALA B 40 -51.07 49.07 -20.60
C ALA B 40 -50.42 50.39 -20.99
N GLU B 41 -51.13 51.22 -21.75
CA GLU B 41 -50.56 52.49 -22.20
C GLU B 41 -50.32 53.44 -21.04
N ALA B 42 -51.25 53.50 -20.09
CA ALA B 42 -51.07 54.32 -18.90
C ALA B 42 -50.11 53.69 -17.89
N LYS B 43 -49.52 52.54 -18.23
CA LYS B 43 -48.58 51.83 -17.36
C LYS B 43 -49.21 51.53 -15.99
N ILE B 44 -50.44 50.98 -16.03
CA ILE B 44 -51.14 50.53 -14.84
C ILE B 44 -51.08 49.01 -14.83
N LYS B 45 -50.30 48.45 -13.91
CA LYS B 45 -50.25 47.00 -13.74
C LYS B 45 -51.47 46.55 -12.95
N HIS B 46 -51.89 45.31 -13.20
CA HIS B 46 -53.11 44.75 -12.62
C HIS B 46 -53.14 43.25 -12.80
N ALA B 47 -53.95 42.57 -12.00
CA ALA B 47 -54.26 41.16 -12.19
C ALA B 47 -55.46 41.00 -13.14
N THR B 48 -55.49 39.87 -13.86
CA THR B 48 -56.53 39.59 -14.83
C THR B 48 -57.07 38.19 -14.61
N ILE B 49 -58.39 38.07 -14.54
CA ILE B 49 -59.08 36.79 -14.38
C ILE B 49 -59.94 36.57 -15.63
N GLU B 50 -59.53 35.61 -16.47
CA GLU B 50 -60.23 35.31 -17.73
C GLU B 50 -61.35 34.29 -17.44
N LEU B 51 -62.59 34.77 -17.39
CA LEU B 51 -63.70 33.95 -16.91
C LEU B 51 -64.03 32.80 -17.86
N ASP B 52 -63.79 32.96 -19.16
CA ASP B 52 -64.06 31.90 -20.12
C ASP B 52 -63.04 30.78 -20.05
N GLN B 53 -62.26 30.72 -18.96
CA GLN B 53 -61.23 29.70 -18.79
C GLN B 53 -61.26 29.06 -17.41
N LEU B 54 -62.35 29.23 -16.67
CA LEU B 54 -62.47 28.62 -15.36
C LEU B 54 -63.62 27.62 -15.37
N SER B 55 -63.52 26.65 -14.47
CA SER B 55 -64.59 25.66 -14.31
C SER B 55 -65.94 26.35 -14.17
N ASN B 56 -66.08 27.21 -13.16
CA ASN B 56 -67.34 27.91 -12.95
C ASN B 56 -67.20 29.40 -13.17
N GLY B 57 -66.64 29.81 -14.31
CA GLY B 57 -66.65 31.21 -14.67
C GLY B 57 -68.04 31.78 -14.88
N SER B 58 -68.98 30.93 -15.29
CA SER B 58 -70.37 31.35 -15.45
C SER B 58 -71.00 31.70 -14.11
N ALA B 59 -70.64 30.98 -13.05
CA ALA B 59 -71.14 31.32 -11.72
C ALA B 59 -70.51 32.60 -11.19
N ILE B 60 -69.20 32.78 -11.41
CA ILE B 60 -68.51 33.99 -10.94
C ILE B 60 -69.14 35.22 -11.58
N GLN B 61 -69.39 35.16 -12.89
CA GLN B 61 -69.98 36.27 -13.60
C GLN B 61 -71.25 36.77 -12.92
N LYS B 62 -72.09 35.84 -12.46
CA LYS B 62 -73.32 36.23 -11.77
C LYS B 62 -73.03 36.84 -10.41
N CYS B 63 -72.04 36.30 -9.69
CA CYS B 63 -71.73 36.82 -8.36
C CYS B 63 -71.14 38.23 -8.41
N LEU B 64 -70.45 38.58 -9.50
CA LEU B 64 -69.88 39.92 -9.60
C LEU B 64 -70.95 40.98 -9.48
N ALA B 65 -72.19 40.64 -9.86
CA ALA B 65 -73.30 41.59 -9.80
C ALA B 65 -73.54 42.08 -8.38
N SER B 66 -73.25 41.25 -7.37
CA SER B 66 -73.41 41.68 -5.98
C SER B 66 -72.47 42.82 -5.62
N PHE B 67 -71.39 43.02 -6.38
CA PHE B 67 -70.48 44.12 -6.14
C PHE B 67 -70.72 45.31 -7.08
N SER B 68 -71.09 45.03 -8.33
CA SER B 68 -71.18 46.06 -9.37
C SER B 68 -72.58 46.31 -9.88
N LYS B 69 -73.56 45.50 -9.49
CA LYS B 69 -74.93 45.49 -10.02
C LYS B 69 -74.99 45.18 -11.52
N ILE B 70 -73.90 44.68 -12.12
CA ILE B 70 -73.91 44.28 -13.53
C ILE B 70 -73.30 42.89 -13.66
N GLU B 71 -73.77 42.15 -14.67
CA GLU B 71 -73.37 40.76 -14.88
C GLU B 71 -72.46 40.58 -16.08
N THR B 72 -71.99 41.66 -16.67
CA THR B 72 -71.30 41.61 -17.94
C THR B 72 -69.79 41.78 -17.73
N VAL B 73 -69.07 41.72 -18.85
CA VAL B 73 -67.61 41.73 -18.85
C VAL B 73 -67.15 42.70 -19.94
N PRO B 74 -66.12 43.55 -19.69
CA PRO B 74 -65.24 43.61 -18.52
C PRO B 74 -65.79 44.30 -17.29
N GLN B 75 -65.17 44.03 -16.15
CA GLN B 75 -65.38 44.78 -14.91
C GLN B 75 -64.01 45.01 -14.29
N MET B 76 -63.73 46.25 -13.91
CA MET B 76 -62.46 46.61 -13.30
C MET B 76 -62.70 47.05 -11.86
N PHE B 77 -61.86 46.57 -10.95
CA PHE B 77 -61.94 46.92 -9.53
C PHE B 77 -60.61 47.47 -9.05
N VAL B 78 -60.67 48.38 -8.08
CA VAL B 78 -59.47 48.93 -7.46
C VAL B 78 -59.66 48.85 -5.95
N ARG B 79 -58.82 48.06 -5.29
CA ARG B 79 -58.77 48.02 -3.82
C ARG B 79 -60.15 47.79 -3.22
N GLY B 80 -60.89 46.85 -3.80
CA GLY B 80 -62.16 46.41 -3.27
C GLY B 80 -63.37 47.15 -3.78
N LYS B 81 -63.20 48.09 -4.71
CA LYS B 81 -64.24 49.00 -5.14
C LYS B 81 -64.44 48.86 -6.64
N PHE B 82 -65.69 48.72 -7.07
CA PHE B 82 -65.98 48.67 -8.50
C PHE B 82 -65.72 50.04 -9.12
N ILE B 83 -65.00 50.04 -10.24
CA ILE B 83 -64.61 51.29 -10.90
C ILE B 83 -65.46 51.54 -12.14
N GLY B 84 -65.71 50.54 -12.97
CA GLY B 84 -66.55 50.74 -14.13
C GLY B 84 -66.41 49.63 -15.13
N ASP B 85 -67.27 49.71 -16.17
CA ASP B 85 -67.19 48.83 -17.33
C ASP B 85 -66.37 49.53 -18.42
N SER B 86 -66.49 49.08 -19.67
CA SER B 86 -65.67 49.62 -20.75
C SER B 86 -65.91 51.11 -20.96
N GLN B 87 -67.17 51.54 -21.03
CA GLN B 87 -67.46 52.95 -21.26
C GLN B 87 -66.92 53.82 -20.13
N THR B 88 -67.05 53.36 -18.88
CA THR B 88 -66.72 54.19 -17.72
C THR B 88 -65.22 54.36 -17.55
N VAL B 89 -64.44 53.31 -17.82
CA VAL B 89 -62.99 53.42 -17.65
C VAL B 89 -62.41 54.33 -18.73
N LEU B 90 -62.89 54.22 -19.97
CA LEU B 90 -62.40 55.10 -21.03
C LEU B 90 -62.74 56.55 -20.73
N LYS B 91 -63.89 56.79 -20.07
CA LYS B 91 -64.26 58.14 -19.63
C LYS B 91 -63.23 58.69 -18.65
N TYR B 92 -62.83 57.88 -17.66
CA TYR B 92 -61.79 58.31 -16.73
C TYR B 92 -60.48 58.61 -17.46
N TYR B 93 -60.12 57.77 -18.43
CA TYR B 93 -58.89 57.96 -19.19
C TYR B 93 -58.94 59.22 -20.03
N SER B 94 -60.10 59.51 -20.62
CA SER B 94 -60.25 60.70 -21.46
C SER B 94 -60.13 61.98 -20.64
N ASN B 95 -60.69 61.98 -19.43
CA ASN B 95 -60.73 63.15 -18.56
C ASN B 95 -59.53 63.23 -17.63
N ASP B 96 -58.51 62.37 -17.81
CA ASP B 96 -57.32 62.35 -16.97
C ASP B 96 -57.67 62.15 -15.50
N GLU B 97 -58.66 61.30 -15.23
CA GLU B 97 -59.03 60.94 -13.87
C GLU B 97 -58.60 59.53 -13.49
N LEU B 98 -58.00 58.77 -14.42
CA LEU B 98 -57.70 57.36 -14.16
C LEU B 98 -56.57 57.21 -13.15
N ALA B 99 -55.52 58.01 -13.26
CA ALA B 99 -54.34 57.81 -12.41
C ALA B 99 -54.68 58.02 -10.94
N GLY B 100 -55.45 59.06 -10.63
CA GLY B 100 -55.88 59.30 -9.27
C GLY B 100 -56.79 58.22 -8.71
N ILE B 101 -57.63 57.64 -9.57
CA ILE B 101 -58.52 56.56 -9.11
C ILE B 101 -57.71 55.34 -8.72
N VAL B 102 -56.76 54.93 -9.56
CA VAL B 102 -56.02 53.69 -9.30
C VAL B 102 -54.97 53.85 -8.22
N ASN B 103 -54.62 55.07 -7.85
CA ASN B 103 -53.58 55.31 -6.86
C ASN B 103 -54.13 55.69 -5.50
N GLU B 104 -55.42 55.96 -5.37
CA GLU B 104 -55.94 56.34 -4.06
C GLU B 104 -56.12 55.11 -3.19
N SER B 105 -55.62 55.20 -1.96
CA SER B 105 -55.55 54.06 -1.06
C SER B 105 -55.56 54.57 0.38
N LYS B 106 -56.16 53.77 1.26
CA LYS B 106 -56.13 54.11 2.67
C LYS B 106 -54.71 54.06 3.25
N TYR B 107 -53.78 53.35 2.61
CA TYR B 107 -52.44 53.17 3.15
C TYR B 107 -51.39 53.62 2.15
N ASP B 108 -50.18 53.86 2.67
CA ASP B 108 -49.03 54.18 1.82
C ASP B 108 -48.76 53.07 0.81
N TYR B 109 -48.86 51.81 1.24
CA TYR B 109 -48.50 50.69 0.40
C TYR B 109 -49.55 49.59 0.49
N ASP B 110 -49.76 48.89 -0.63
CA ASP B 110 -50.57 47.67 -0.57
C ASP B 110 -49.86 46.57 0.21
N LEU B 111 -48.52 46.57 0.23
CA LEU B 111 -47.75 45.50 0.88
C LEU B 111 -46.43 46.05 1.40
N ILE B 112 -46.13 45.76 2.65
CA ILE B 112 -44.80 46.01 3.20
C ILE B 112 -44.19 44.66 3.57
N VAL B 113 -43.03 44.37 3.00
CA VAL B 113 -42.23 43.21 3.36
C VAL B 113 -41.13 43.67 4.29
N ILE B 114 -41.06 43.09 5.47
CA ILE B 114 -39.95 43.31 6.39
C ILE B 114 -38.96 42.16 6.20
N GLY B 115 -37.82 42.45 5.58
CA GLY B 115 -36.74 41.48 5.39
C GLY B 115 -36.48 41.25 3.92
N GLY B 116 -35.28 41.60 3.45
CA GLY B 116 -34.94 41.46 2.04
C GLY B 116 -34.15 40.22 1.67
N GLY B 117 -34.65 39.03 2.01
CA GLY B 117 -33.98 37.79 1.69
C GLY B 117 -34.72 36.85 0.75
N SER B 118 -34.40 35.55 0.86
CA SER B 118 -34.96 34.55 -0.06
C SER B 118 -36.47 34.70 -0.20
N GLY B 119 -37.20 34.57 0.91
CA GLY B 119 -38.64 34.65 0.84
C GLY B 119 -39.15 36.07 0.61
N GLY B 120 -38.54 37.04 1.29
CA GLY B 120 -39.01 38.41 1.20
C GLY B 120 -38.94 38.99 -0.20
N LEU B 121 -37.78 38.86 -0.85
CA LEU B 121 -37.65 39.40 -2.21
C LEU B 121 -38.58 38.68 -3.19
N ALA B 122 -38.79 37.37 -3.00
CA ALA B 122 -39.69 36.63 -3.88
C ALA B 122 -41.13 37.14 -3.77
N ALA B 123 -41.63 37.21 -2.55
CA ALA B 123 -42.95 37.79 -2.28
C ALA B 123 -43.08 39.17 -2.92
N GLY B 124 -42.11 40.05 -2.65
CA GLY B 124 -42.26 41.44 -3.08
C GLY B 124 -42.33 41.60 -4.58
N LYS B 125 -41.43 40.92 -5.30
CA LYS B 125 -41.43 40.98 -6.77
C LYS B 125 -42.73 40.42 -7.34
N GLU B 126 -43.23 39.33 -6.78
CA GLU B 126 -44.42 38.73 -7.34
C GLU B 126 -45.65 39.61 -7.12
N ALA B 127 -45.76 40.22 -5.94
CA ALA B 127 -46.91 41.10 -5.67
C ALA B 127 -46.95 42.25 -6.66
N ALA B 128 -45.82 42.94 -6.85
CA ALA B 128 -45.79 44.08 -7.76
C ALA B 128 -46.17 43.70 -9.18
N LYS B 129 -45.99 42.42 -9.55
CA LYS B 129 -46.39 41.97 -10.88
C LYS B 129 -47.89 42.13 -11.14
N TYR B 130 -48.72 42.11 -10.08
CA TYR B 130 -50.18 42.20 -10.22
C TYR B 130 -50.73 43.55 -9.80
N GLY B 131 -49.87 44.57 -9.72
CA GLY B 131 -50.33 45.92 -9.46
C GLY B 131 -50.26 46.37 -8.02
N ALA B 132 -49.87 45.50 -7.09
CA ALA B 132 -49.74 45.91 -5.70
C ALA B 132 -48.57 46.90 -5.53
N LYS B 133 -48.83 48.04 -4.90
CA LYS B 133 -47.79 49.00 -4.55
C LYS B 133 -46.99 48.47 -3.36
N THR B 134 -45.70 48.21 -3.56
CA THR B 134 -44.94 47.37 -2.65
C THR B 134 -43.67 48.06 -2.16
N ALA B 135 -43.32 47.79 -0.90
CA ALA B 135 -42.06 48.21 -0.32
C ALA B 135 -41.37 46.99 0.30
N VAL B 136 -40.05 46.92 0.14
CA VAL B 136 -39.24 45.88 0.77
C VAL B 136 -38.20 46.55 1.66
N LEU B 137 -38.20 46.20 2.93
CA LEU B 137 -37.24 46.72 3.90
C LEU B 137 -36.16 45.66 4.15
N ASP B 138 -34.90 46.06 4.06
CA ASP B 138 -33.82 45.18 4.49
C ASP B 138 -32.75 45.95 5.27
N TYR B 139 -32.27 45.31 6.33
CA TYR B 139 -31.20 45.81 7.18
C TYR B 139 -30.43 44.62 7.71
N VAL B 140 -29.10 44.72 7.67
CA VAL B 140 -28.22 43.65 8.15
C VAL B 140 -27.53 44.16 9.40
N GLU B 141 -28.02 43.75 10.56
CA GLU B 141 -27.33 44.04 11.81
C GLU B 141 -25.93 43.43 11.78
N PRO B 142 -24.87 44.20 12.03
CA PRO B 142 -23.51 43.64 11.94
C PRO B 142 -23.26 42.60 13.02
N THR B 143 -22.29 41.72 12.74
CA THR B 143 -21.87 40.70 13.69
C THR B 143 -21.07 41.36 14.81
N PRO B 144 -20.69 40.60 15.86
CA PRO B 144 -19.85 41.19 16.92
C PRO B 144 -18.53 41.79 16.46
N ILE B 145 -17.87 41.25 15.42
CA ILE B 145 -16.65 41.90 14.95
C ILE B 145 -16.93 42.96 13.88
N GLY B 146 -18.17 43.14 13.46
CA GLY B 146 -18.50 44.21 12.52
C GLY B 146 -18.81 43.78 11.09
N THR B 147 -18.81 42.48 10.79
CA THR B 147 -19.12 42.03 9.43
C THR B 147 -20.54 42.42 9.03
N THR B 148 -20.70 42.94 7.82
CA THR B 148 -21.99 43.26 7.24
C THR B 148 -21.96 42.94 5.74
N TRP B 149 -23.12 43.01 5.06
CA TRP B 149 -23.23 42.65 3.65
C TRP B 149 -24.48 43.27 3.03
N GLY B 150 -24.65 43.07 1.71
CA GLY B 150 -25.68 43.71 0.92
C GLY B 150 -26.99 42.94 0.83
N LEU B 151 -27.83 43.35 -0.13
CA LEU B 151 -29.20 42.83 -0.23
C LEU B 151 -29.21 41.39 -0.74
N GLY B 152 -30.16 40.60 -0.22
CA GLY B 152 -30.37 39.24 -0.70
C GLY B 152 -30.60 38.17 0.35
N GLY B 153 -30.24 38.45 1.61
CA GLY B 153 -30.50 37.51 2.70
C GLY B 153 -29.33 36.58 3.00
N THR B 154 -29.62 35.61 3.88
CA THR B 154 -28.60 34.70 4.41
C THR B 154 -28.05 33.77 3.34
N CYS B 155 -28.90 33.20 2.50
CA CYS B 155 -28.42 32.25 1.50
C CYS B 155 -27.44 32.91 0.53
N VAL B 156 -27.82 34.07 0.00
CA VAL B 156 -27.03 34.76 -1.02
C VAL B 156 -25.67 35.17 -0.49
N ASN B 157 -25.64 35.75 0.73
CA ASN B 157 -24.46 36.43 1.27
C ASN B 157 -23.61 35.59 2.22
N VAL B 158 -24.22 34.76 3.07
CA VAL B 158 -23.48 34.04 4.10
C VAL B 158 -24.10 32.66 4.28
N GLY B 159 -24.53 32.04 3.18
CA GLY B 159 -25.21 30.77 3.26
C GLY B 159 -24.95 29.88 2.06
N CYS B 160 -26.03 29.39 1.43
CA CYS B 160 -25.91 28.36 0.39
C CYS B 160 -24.92 28.72 -0.69
N ILE B 161 -24.94 29.98 -1.14
CA ILE B 161 -24.17 30.37 -2.32
C ILE B 161 -22.67 30.32 -1.99
N PRO B 162 -22.14 31.11 -1.04
CA PRO B 162 -20.69 30.99 -0.74
C PRO B 162 -20.25 29.64 -0.21
N LYS B 163 -21.09 28.96 0.58
CA LYS B 163 -20.63 27.67 1.08
C LYS B 163 -20.52 26.64 -0.04
N LYS B 164 -21.44 26.64 -1.01
CA LYS B 164 -21.32 25.69 -2.11
C LYS B 164 -20.18 26.05 -3.05
N LEU B 165 -19.85 27.35 -3.16
CA LEU B 165 -18.68 27.73 -3.96
C LEU B 165 -17.38 27.31 -3.28
N MET B 166 -17.30 27.44 -1.95
CA MET B 166 -16.09 26.97 -1.28
C MET B 166 -16.03 25.44 -1.27
N HIS B 167 -17.20 24.77 -1.23
CA HIS B 167 -17.25 23.33 -1.39
C HIS B 167 -16.69 22.89 -2.74
N GLN B 168 -17.09 23.58 -3.82
CA GLN B 168 -16.53 23.31 -5.13
C GLN B 168 -15.00 23.45 -5.13
N ALA B 169 -14.49 24.49 -4.46
CA ALA B 169 -13.04 24.66 -4.36
C ALA B 169 -12.41 23.47 -3.68
N GLY B 170 -13.06 22.94 -2.64
CA GLY B 170 -12.57 21.73 -2.01
C GLY B 170 -12.64 20.52 -2.94
N LEU B 171 -13.74 20.40 -3.70
CA LEU B 171 -13.86 19.29 -4.62
C LEU B 171 -12.77 19.32 -5.69
N LEU B 172 -12.33 20.51 -6.07
CA LEU B 172 -11.32 20.60 -7.12
C LEU B 172 -9.99 20.02 -6.66
N SER B 173 -9.72 20.01 -5.35
CA SER B 173 -8.48 19.38 -4.89
C SER B 173 -8.42 17.90 -5.32
N HIS B 174 -9.54 17.19 -5.25
CA HIS B 174 -9.51 15.77 -5.62
C HIS B 174 -9.54 15.57 -7.13
N ALA B 175 -10.22 16.46 -7.86
CA ALA B 175 -10.07 16.46 -9.31
C ALA B 175 -8.59 16.54 -9.70
N LEU B 176 -7.82 17.42 -9.05
CA LEU B 176 -6.40 17.57 -9.35
C LEU B 176 -5.63 16.28 -9.11
N GLU B 177 -5.90 15.60 -7.99
CA GLU B 177 -5.31 14.28 -7.76
C GLU B 177 -5.79 13.28 -8.79
N ASP B 178 -7.09 13.27 -9.10
CA ASP B 178 -7.62 12.32 -10.07
C ASP B 178 -6.98 12.47 -11.46
N ALA B 179 -6.56 13.69 -11.82
CA ALA B 179 -6.15 13.94 -13.20
C ALA B 179 -4.89 13.18 -13.57
N GLU B 180 -3.98 12.96 -12.62
CA GLU B 180 -2.78 12.18 -12.90
C GLU B 180 -3.12 10.78 -13.39
N HIS B 181 -4.09 10.13 -12.74
CA HIS B 181 -4.47 8.77 -13.14
C HIS B 181 -5.19 8.75 -14.47
N PHE B 182 -5.87 9.83 -14.84
CA PHE B 182 -6.47 9.87 -16.16
C PHE B 182 -5.50 10.35 -17.23
N GLY B 183 -4.21 10.53 -16.88
CA GLY B 183 -3.17 10.75 -17.85
C GLY B 183 -2.68 12.17 -18.01
N TRP B 184 -3.08 13.10 -17.14
CA TRP B 184 -2.57 14.46 -17.18
C TRP B 184 -1.30 14.57 -16.34
N SER B 185 -0.42 15.49 -16.76
CA SER B 185 0.98 15.53 -16.37
C SER B 185 1.25 16.36 -15.11
N LEU B 186 0.23 16.84 -14.42
CA LEU B 186 0.47 17.70 -13.26
C LEU B 186 0.96 16.87 -12.07
N ASP B 187 1.62 17.55 -11.13
CA ASP B 187 2.01 16.94 -9.85
C ASP B 187 1.20 17.61 -8.74
N ARG B 188 0.16 16.90 -8.27
CA ARG B 188 -0.71 17.42 -7.21
C ARG B 188 0.08 17.81 -5.96
N SER B 189 1.18 17.12 -5.67
CA SER B 189 1.94 17.38 -4.45
C SER B 189 2.57 18.79 -4.43
N LYS B 190 2.79 19.41 -5.59
CA LYS B 190 3.44 20.72 -5.64
C LYS B 190 2.44 21.86 -5.87
N ILE B 191 1.16 21.67 -5.55
CA ILE B 191 0.14 22.69 -5.74
C ILE B 191 -0.46 23.07 -4.40
N SER B 192 -0.60 24.37 -4.17
CA SER B 192 -1.16 24.91 -2.94
C SER B 192 -2.41 25.74 -3.25
N HIS B 193 -3.07 26.19 -2.19
CA HIS B 193 -4.31 26.96 -2.33
C HIS B 193 -4.19 28.32 -1.68
N ASN B 194 -4.76 29.34 -2.34
CA ASN B 194 -4.71 30.72 -1.85
C ASN B 194 -6.12 31.15 -1.41
N TRP B 195 -6.33 31.17 -0.09
CA TRP B 195 -7.63 31.51 0.48
C TRP B 195 -8.15 32.84 -0.03
N SER B 196 -7.32 33.88 0.07
CA SER B 196 -7.83 35.21 -0.23
C SER B 196 -8.16 35.37 -1.71
N THR B 197 -7.45 34.68 -2.60
CA THR B 197 -7.84 34.69 -4.01
C THR B 197 -9.23 34.06 -4.20
N MET B 198 -9.52 32.98 -3.47
CA MET B 198 -10.84 32.37 -3.55
C MET B 198 -11.93 33.28 -2.99
N VAL B 199 -11.68 33.88 -1.83
CA VAL B 199 -12.68 34.78 -1.23
C VAL B 199 -12.98 35.93 -2.17
N GLU B 200 -11.98 36.43 -2.89
CA GLU B 200 -12.22 37.57 -3.79
C GLU B 200 -13.18 37.18 -4.91
N GLY B 201 -12.99 36.01 -5.50
CA GLY B 201 -13.91 35.56 -6.53
C GLY B 201 -15.31 35.29 -6.00
N VAL B 202 -15.40 34.64 -4.83
CA VAL B 202 -16.70 34.40 -4.22
C VAL B 202 -17.39 35.72 -3.96
N GLN B 203 -16.69 36.67 -3.33
CA GLN B 203 -17.31 37.94 -3.00
C GLN B 203 -17.71 38.73 -4.24
N SER B 204 -16.96 38.62 -5.33
CA SER B 204 -17.34 39.33 -6.55
C SER B 204 -18.64 38.78 -7.14
N HIS B 205 -18.86 37.46 -7.06
CA HIS B 205 -20.15 36.91 -7.46
C HIS B 205 -21.28 37.38 -6.55
N ILE B 206 -21.04 37.41 -5.23
CA ILE B 206 -22.08 37.85 -4.31
C ILE B 206 -22.45 39.31 -4.57
N GLY B 207 -21.44 40.15 -4.81
CA GLY B 207 -21.72 41.54 -5.17
C GLY B 207 -22.59 41.66 -6.41
N SER B 208 -22.34 40.81 -7.41
CA SER B 208 -23.19 40.86 -8.60
C SER B 208 -24.63 40.43 -8.28
N LEU B 209 -24.82 39.59 -7.26
CA LEU B 209 -26.18 39.28 -6.86
C LEU B 209 -26.81 40.41 -6.05
N ASN B 210 -26.06 41.05 -5.15
CA ASN B 210 -26.59 42.24 -4.47
C ASN B 210 -27.13 43.24 -5.51
N TRP B 211 -26.33 43.50 -6.55
CA TRP B 211 -26.72 44.51 -7.55
C TRP B 211 -27.92 44.02 -8.38
N GLY B 212 -27.89 42.77 -8.83
CA GLY B 212 -29.02 42.21 -9.56
C GLY B 212 -30.34 42.38 -8.85
N TYR B 213 -30.36 42.16 -7.52
CA TYR B 213 -31.62 42.30 -6.77
C TYR B 213 -32.10 43.75 -6.71
N LYS B 214 -31.18 44.70 -6.53
CA LYS B 214 -31.59 46.11 -6.55
C LYS B 214 -32.16 46.50 -7.92
N VAL B 215 -31.57 45.98 -9.01
CA VAL B 215 -32.06 46.29 -10.35
C VAL B 215 -33.42 45.63 -10.58
N ALA B 216 -33.59 44.39 -10.11
CA ALA B 216 -34.89 43.73 -10.23
C ALA B 216 -35.98 44.51 -9.49
N LEU B 217 -35.66 45.03 -8.31
CA LEU B 217 -36.68 45.76 -7.54
C LEU B 217 -37.06 47.06 -8.25
N ARG B 218 -36.07 47.86 -8.64
CA ARG B 218 -36.35 49.05 -9.45
C ARG B 218 -37.23 48.70 -10.65
N ASP B 219 -36.77 47.77 -11.49
CA ASP B 219 -37.48 47.47 -12.73
C ASP B 219 -38.88 46.87 -12.51
N ASN B 220 -39.22 46.46 -11.30
CA ASN B 220 -40.59 46.06 -10.97
C ASN B 220 -41.37 47.15 -10.24
N GLN B 221 -40.82 48.36 -10.12
CA GLN B 221 -41.48 49.48 -9.43
C GLN B 221 -41.71 49.16 -7.95
N VAL B 222 -40.74 48.49 -7.33
CA VAL B 222 -40.76 48.18 -5.90
C VAL B 222 -39.86 49.16 -5.17
N THR B 223 -40.38 49.81 -4.13
CA THR B 223 -39.57 50.71 -3.30
C THR B 223 -38.68 49.89 -2.37
N TYR B 224 -37.36 50.01 -2.51
CA TYR B 224 -36.42 49.36 -1.59
C TYR B 224 -35.91 50.37 -0.59
N LEU B 225 -36.09 50.08 0.70
CA LEU B 225 -35.60 50.92 1.78
C LEU B 225 -34.61 50.11 2.62
N ASN B 226 -33.35 50.51 2.60
CA ASN B 226 -32.31 49.91 3.44
C ASN B 226 -32.46 50.51 4.83
N ALA B 227 -33.36 49.91 5.61
CA ALA B 227 -33.80 50.46 6.89
C ALA B 227 -34.29 49.32 7.78
N LYS B 228 -34.15 49.49 9.09
CA LYS B 228 -34.65 48.48 10.02
C LYS B 228 -36.13 48.76 10.29
N GLY B 229 -36.97 47.76 10.05
CA GLY B 229 -38.40 47.90 10.24
C GLY B 229 -38.90 47.21 11.50
N ARG B 230 -39.93 47.79 12.09
CA ARG B 230 -40.53 47.32 13.34
C ARG B 230 -42.02 47.53 13.26
N LEU B 231 -42.78 46.45 13.37
CA LEU B 231 -44.23 46.53 13.34
C LEU B 231 -44.74 46.98 14.71
N ILE B 232 -45.35 48.16 14.76
CA ILE B 232 -45.86 48.70 16.03
C ILE B 232 -47.37 48.59 16.16
N SER B 233 -48.09 48.43 15.05
CA SER B 233 -49.52 48.18 15.07
C SER B 233 -49.83 47.37 13.81
N PRO B 234 -51.06 46.83 13.68
CA PRO B 234 -51.33 45.95 12.54
C PRO B 234 -50.94 46.53 11.18
N HIS B 235 -51.07 47.84 10.98
CA HIS B 235 -50.78 48.45 9.67
C HIS B 235 -49.64 49.46 9.72
N GLU B 236 -48.93 49.61 10.83
CA GLU B 236 -47.93 50.65 10.97
C GLU B 236 -46.54 50.03 11.14
N VAL B 237 -45.59 50.45 10.31
CA VAL B 237 -44.20 49.99 10.41
C VAL B 237 -43.30 51.19 10.68
N GLN B 238 -42.57 51.13 11.79
CA GLN B 238 -41.58 52.15 12.12
C GLN B 238 -40.23 51.76 11.53
N ILE B 239 -39.65 52.65 10.71
CA ILE B 239 -38.39 52.39 10.04
C ILE B 239 -37.31 53.31 10.62
N THR B 240 -36.08 52.79 10.65
CA THR B 240 -34.90 53.55 11.06
C THR B 240 -33.85 53.43 9.96
N ASP B 241 -33.42 54.57 9.40
CA ASP B 241 -32.53 54.55 8.25
C ASP B 241 -31.07 54.60 8.73
N LYS B 242 -30.14 54.75 7.78
CA LYS B 242 -28.72 54.63 8.10
C LYS B 242 -28.18 55.83 8.87
N ASN B 243 -28.92 56.94 8.95
CA ASN B 243 -28.58 58.08 9.79
C ASN B 243 -29.38 58.08 11.09
N GLN B 244 -30.01 56.96 11.43
CA GLN B 244 -30.85 56.82 12.62
C GLN B 244 -32.12 57.66 12.56
N LYS B 245 -32.51 58.14 11.38
CA LYS B 245 -33.78 58.84 11.25
C LYS B 245 -34.94 57.86 11.35
N VAL B 246 -35.95 58.21 12.16
CA VAL B 246 -37.10 57.35 12.43
C VAL B 246 -38.34 57.94 11.77
N SER B 247 -39.20 57.07 11.25
CA SER B 247 -40.45 57.49 10.64
C SER B 247 -41.41 56.30 10.60
N THR B 248 -42.62 56.54 10.08
CA THR B 248 -43.69 55.54 10.07
C THR B 248 -44.32 55.47 8.70
N ILE B 249 -44.43 54.25 8.14
CA ILE B 249 -45.13 54.00 6.90
C ILE B 249 -46.25 53.00 7.18
N THR B 250 -47.26 53.00 6.32
CA THR B 250 -48.44 52.18 6.53
C THR B 250 -48.70 51.30 5.31
N GLY B 251 -49.29 50.13 5.57
CA GLY B 251 -49.57 49.18 4.51
C GLY B 251 -50.78 48.34 4.83
N ASN B 252 -51.50 47.96 3.78
CA ASN B 252 -52.63 47.04 3.88
C ASN B 252 -52.18 45.67 4.39
N LYS B 253 -51.45 44.92 3.56
CA LYS B 253 -50.91 43.62 3.91
C LYS B 253 -49.46 43.74 4.38
N ILE B 254 -49.09 42.88 5.34
CA ILE B 254 -47.75 42.87 5.92
C ILE B 254 -47.21 41.44 5.86
N ILE B 255 -45.98 41.29 5.37
CA ILE B 255 -45.31 39.99 5.36
C ILE B 255 -44.04 40.10 6.20
N LEU B 256 -43.95 39.29 7.25
CA LEU B 256 -42.74 39.21 8.06
C LEU B 256 -41.81 38.17 7.43
N ALA B 257 -40.59 38.58 7.09
CA ALA B 257 -39.66 37.67 6.41
C ALA B 257 -38.22 37.93 6.86
N THR B 258 -38.00 38.01 8.17
CA THR B 258 -36.74 38.51 8.72
C THR B 258 -35.70 37.44 9.05
N GLY B 259 -36.01 36.14 8.92
CA GLY B 259 -34.89 35.17 9.02
C GLY B 259 -34.35 35.00 10.43
N GLU B 260 -33.16 34.37 10.52
CA GLU B 260 -32.50 34.06 11.78
C GLU B 260 -31.03 34.47 11.72
N ARG B 261 -30.34 34.39 12.87
CA ARG B 261 -28.91 34.61 12.93
C ARG B 261 -28.27 33.55 13.83
N PRO B 262 -26.95 33.35 13.72
CA PRO B 262 -26.30 32.29 14.53
C PRO B 262 -26.34 32.55 16.04
N LYS B 263 -26.51 31.47 16.80
CA LYS B 263 -26.39 31.51 18.25
C LYS B 263 -24.93 31.38 18.70
N TYR B 264 -24.64 31.95 19.88
CA TYR B 264 -23.38 31.71 20.59
C TYR B 264 -23.67 30.95 21.88
N PRO B 265 -22.79 30.05 22.31
CA PRO B 265 -22.95 29.47 23.64
C PRO B 265 -22.59 30.49 24.71
N GLU B 266 -23.23 30.35 25.88
CA GLU B 266 -23.01 31.28 27.00
C GLU B 266 -21.77 30.86 27.78
N ILE B 267 -20.60 31.21 27.24
CA ILE B 267 -19.33 30.92 27.92
C ILE B 267 -18.38 32.09 27.71
N PRO B 268 -17.42 32.25 28.64
CA PRO B 268 -16.47 33.37 28.51
C PRO B 268 -15.59 33.23 27.28
N GLY B 269 -15.39 34.36 26.58
CA GLY B 269 -14.55 34.43 25.40
C GLY B 269 -15.26 34.19 24.08
N ALA B 270 -16.45 33.59 24.09
CA ALA B 270 -17.06 33.13 22.85
C ALA B 270 -17.34 34.28 21.89
N VAL B 271 -18.10 35.28 22.35
CA VAL B 271 -18.47 36.40 21.49
C VAL B 271 -17.25 37.26 21.19
N GLU B 272 -16.30 37.32 22.12
CA GLU B 272 -15.14 38.18 21.94
C GLU B 272 -14.15 37.59 20.94
N TYR B 273 -13.90 36.29 21.01
CA TYR B 273 -12.74 35.74 20.31
C TYR B 273 -13.07 34.72 19.23
N GLY B 274 -14.28 34.15 19.21
CA GLY B 274 -14.68 33.25 18.15
C GLY B 274 -15.42 33.98 17.03
N ILE B 275 -15.71 33.23 15.96
CA ILE B 275 -16.51 33.72 14.84
C ILE B 275 -17.63 32.73 14.54
N THR B 276 -18.50 33.09 13.60
CA THR B 276 -19.51 32.18 13.08
C THR B 276 -19.48 32.20 11.55
N SER B 277 -20.38 31.42 10.95
CA SER B 277 -20.44 31.37 9.49
C SER B 277 -20.74 32.74 8.88
N ASP B 278 -21.41 33.60 9.66
CA ASP B 278 -21.59 35.00 9.23
C ASP B 278 -20.27 35.65 8.86
N ASP B 279 -19.20 35.33 9.59
CA ASP B 279 -17.92 35.96 9.37
C ASP B 279 -17.04 35.19 8.39
N LEU B 280 -17.24 33.87 8.31
CA LEU B 280 -16.29 33.01 7.61
C LEU B 280 -16.21 33.34 6.12
N PHE B 281 -17.35 33.66 5.50
CA PHE B 281 -17.37 33.74 4.05
C PHE B 281 -16.70 34.99 3.48
N SER B 282 -16.40 36.02 4.28
CA SER B 282 -15.57 37.12 3.81
C SER B 282 -14.32 37.33 4.66
N LEU B 283 -13.91 36.30 5.42
CA LEU B 283 -12.71 36.42 6.26
C LEU B 283 -11.50 36.80 5.42
N PRO B 284 -10.81 37.88 5.77
CA PRO B 284 -9.66 38.32 4.95
C PRO B 284 -8.41 37.44 5.08
N TYR B 285 -8.31 36.57 6.08
CA TYR B 285 -7.17 35.67 6.23
C TYR B 285 -7.65 34.23 6.28
N PHE B 286 -6.78 33.30 5.91
CA PHE B 286 -7.10 31.88 6.05
C PHE B 286 -7.26 31.54 7.53
N PRO B 287 -8.33 30.83 7.92
CA PRO B 287 -8.54 30.54 9.34
C PRO B 287 -7.40 29.82 10.04
N GLY B 288 -6.63 28.99 9.33
CA GLY B 288 -5.56 28.25 9.98
C GLY B 288 -6.07 27.05 10.76
N LYS B 289 -5.30 26.65 11.77
CA LYS B 289 -5.77 25.57 12.63
C LYS B 289 -7.06 26.00 13.28
N THR B 290 -8.13 25.23 13.03
CA THR B 290 -9.49 25.65 13.30
C THR B 290 -10.20 24.64 14.19
N LEU B 291 -10.93 25.14 15.17
CA LEU B 291 -11.89 24.34 15.92
C LEU B 291 -13.29 24.73 15.48
N VAL B 292 -14.07 23.76 15.04
CA VAL B 292 -15.50 23.95 14.78
C VAL B 292 -16.26 23.30 15.94
N ILE B 293 -17.08 24.11 16.63
CA ILE B 293 -17.91 23.64 17.73
C ILE B 293 -19.33 23.50 17.20
N GLY B 294 -19.86 22.27 17.27
CA GLY B 294 -21.18 21.95 16.77
C GLY B 294 -21.14 20.78 15.79
N ALA B 295 -22.34 20.33 15.40
CA ALA B 295 -22.42 19.17 14.53
C ALA B 295 -23.63 19.19 13.59
N SER B 296 -24.20 20.37 13.35
CA SER B 296 -25.21 20.59 12.33
C SER B 296 -24.62 20.46 10.93
N TYR B 297 -25.48 20.59 9.91
CA TYR B 297 -24.95 20.56 8.55
C TYR B 297 -24.04 21.75 8.29
N VAL B 298 -24.28 22.89 8.94
CA VAL B 298 -23.37 24.03 8.79
C VAL B 298 -21.98 23.69 9.30
N ALA B 299 -21.92 23.18 10.54
CA ALA B 299 -20.65 22.75 11.13
C ALA B 299 -19.89 21.81 10.19
N LEU B 300 -20.57 20.77 9.70
CA LEU B 300 -19.87 19.75 8.92
C LEU B 300 -19.49 20.23 7.53
N GLU B 301 -20.33 21.05 6.90
CA GLU B 301 -20.00 21.54 5.57
C GLU B 301 -18.76 22.41 5.61
N CYS B 302 -18.70 23.34 6.57
CA CYS B 302 -17.55 24.22 6.72
C CYS B 302 -16.29 23.44 7.12
N ALA B 303 -16.40 22.54 8.09
CA ALA B 303 -15.23 21.74 8.44
C ALA B 303 -14.72 20.99 7.24
N GLY B 304 -15.64 20.56 6.37
CA GLY B 304 -15.26 19.74 5.23
C GLY B 304 -14.43 20.48 4.20
N PHE B 305 -14.87 21.66 3.78
CA PHE B 305 -14.06 22.33 2.76
C PHE B 305 -12.78 22.94 3.33
N LEU B 306 -12.82 23.43 4.57
CA LEU B 306 -11.60 23.93 5.21
C LEU B 306 -10.49 22.87 5.18
N ALA B 307 -10.84 21.62 5.44
CA ALA B 307 -9.81 20.57 5.42
C ALA B 307 -9.36 20.28 4.00
N SER B 308 -10.27 20.32 3.03
CA SER B 308 -9.88 20.10 1.64
C SER B 308 -9.01 21.24 1.12
N LEU B 309 -9.16 22.45 1.66
CA LEU B 309 -8.29 23.56 1.31
C LEU B 309 -7.03 23.62 2.17
N GLY B 310 -6.73 22.56 2.90
CA GLY B 310 -5.45 22.44 3.59
C GLY B 310 -5.42 22.89 5.04
N GLY B 311 -6.55 23.05 5.69
CA GLY B 311 -6.55 23.42 7.10
C GLY B 311 -6.45 22.21 8.02
N ASP B 312 -6.06 22.51 9.27
CA ASP B 312 -5.98 21.55 10.37
C ASP B 312 -7.26 21.70 11.17
N VAL B 313 -8.22 20.78 10.96
CA VAL B 313 -9.59 21.02 11.35
C VAL B 313 -10.03 20.01 12.40
N THR B 314 -10.65 20.50 13.47
CA THR B 314 -11.24 19.65 14.49
C THR B 314 -12.67 20.08 14.68
N VAL B 315 -13.54 19.10 14.92
CA VAL B 315 -14.94 19.33 15.20
C VAL B 315 -15.23 18.79 16.59
N MET B 316 -15.79 19.64 17.46
CA MET B 316 -16.21 19.25 18.79
C MET B 316 -17.71 18.94 18.77
N VAL B 317 -18.06 17.72 19.14
CA VAL B 317 -19.41 17.19 19.02
C VAL B 317 -19.97 16.91 20.41
N ARG B 318 -21.10 17.55 20.75
CA ARG B 318 -21.69 17.37 22.06
C ARG B 318 -22.32 16.00 22.23
N SER B 319 -23.13 15.57 21.25
CA SER B 319 -23.78 14.25 21.29
C SER B 319 -23.62 13.51 19.97
N ILE B 320 -24.45 13.84 18.98
CA ILE B 320 -24.46 13.12 17.70
C ILE B 320 -24.25 14.11 16.55
N LEU B 321 -23.97 13.55 15.36
CA LEU B 321 -23.88 14.31 14.12
C LEU B 321 -25.26 14.42 13.47
N LEU B 322 -25.56 15.59 12.91
CA LEU B 322 -26.75 15.78 12.09
C LEU B 322 -28.03 15.32 12.81
N ARG B 323 -28.22 15.82 14.03
CA ARG B 323 -29.44 15.51 14.78
C ARG B 323 -30.66 15.81 13.93
N GLY B 324 -31.60 14.87 13.91
CA GLY B 324 -32.79 15.00 13.09
C GLY B 324 -32.71 14.36 11.71
N PHE B 325 -31.51 14.01 11.22
CA PHE B 325 -31.36 13.26 9.98
C PHE B 325 -31.18 11.78 10.29
N ASP B 326 -31.39 10.94 9.25
CA ASP B 326 -31.15 9.50 9.35
C ASP B 326 -29.76 9.22 9.94
N GLN B 327 -29.71 8.47 11.05
CA GLN B 327 -28.45 8.43 11.80
C GLN B 327 -27.45 7.47 11.19
N GLN B 328 -27.90 6.44 10.48
CA GLN B 328 -26.96 5.60 9.74
C GLN B 328 -26.22 6.42 8.69
N MET B 329 -26.97 7.22 7.93
CA MET B 329 -26.35 8.05 6.92
C MET B 329 -25.44 9.10 7.55
N ALA B 330 -25.86 9.67 8.68
CA ALA B 330 -25.03 10.67 9.35
C ALA B 330 -23.71 10.08 9.80
N GLU B 331 -23.72 8.84 10.28
CA GLU B 331 -22.46 8.21 10.70
C GLU B 331 -21.58 7.88 9.50
N LYS B 332 -22.18 7.49 8.37
CA LYS B 332 -21.38 7.27 7.17
C LYS B 332 -20.74 8.58 6.71
N VAL B 333 -21.51 9.69 6.75
CA VAL B 333 -20.96 11.01 6.42
C VAL B 333 -19.75 11.32 7.28
N GLY B 334 -19.89 11.15 8.61
CA GLY B 334 -18.80 11.49 9.52
C GLY B 334 -17.60 10.59 9.38
N ASP B 335 -17.83 9.29 9.17
CA ASP B 335 -16.72 8.35 9.00
C ASP B 335 -15.88 8.72 7.79
N TYR B 336 -16.53 9.17 6.70
CA TYR B 336 -15.77 9.56 5.53
C TYR B 336 -14.89 10.78 5.84
N MET B 337 -15.44 11.78 6.52
CA MET B 337 -14.66 12.95 6.87
C MET B 337 -13.49 12.58 7.79
N GLU B 338 -13.71 11.68 8.74
CA GLU B 338 -12.63 11.30 9.65
C GLU B 338 -11.51 10.59 8.91
N ASN B 339 -11.84 9.84 7.86
CA ASN B 339 -10.81 9.12 7.12
C ASN B 339 -10.07 10.01 6.15
N HIS B 340 -10.65 11.13 5.75
CA HIS B 340 -10.01 12.07 4.85
C HIS B 340 -9.60 13.35 5.58
N GLY B 341 -9.23 13.23 6.84
CA GLY B 341 -8.44 14.23 7.52
C GLY B 341 -9.16 15.27 8.35
N VAL B 342 -10.37 15.00 8.82
CA VAL B 342 -11.02 15.84 9.82
C VAL B 342 -10.93 15.11 11.14
N LYS B 343 -10.51 15.81 12.19
CA LYS B 343 -10.50 15.23 13.54
C LYS B 343 -11.81 15.53 14.24
N PHE B 344 -12.23 14.60 15.09
CA PHE B 344 -13.43 14.77 15.89
C PHE B 344 -13.09 14.64 17.37
N ALA B 345 -13.67 15.52 18.18
CA ALA B 345 -13.60 15.43 19.64
C ALA B 345 -15.00 15.13 20.14
N LYS B 346 -15.29 13.84 20.34
CA LYS B 346 -16.65 13.33 20.50
C LYS B 346 -17.12 13.39 21.95
N LEU B 347 -18.42 13.64 22.13
CA LEU B 347 -19.05 13.75 23.46
C LEU B 347 -18.35 14.81 24.33
N CYS B 348 -18.18 16.01 23.77
CA CYS B 348 -17.33 17.06 24.32
C CYS B 348 -17.99 18.42 24.14
N VAL B 349 -17.93 19.26 25.18
CA VAL B 349 -18.51 20.62 25.10
C VAL B 349 -17.47 21.64 25.54
N PRO B 350 -17.55 22.88 25.06
CA PRO B 350 -16.56 23.90 25.47
C PRO B 350 -16.93 24.62 26.76
N ASP B 351 -15.90 24.92 27.56
CA ASP B 351 -16.08 25.75 28.77
C ASP B 351 -15.45 27.14 28.58
N ILE B 353 -13.09 30.04 26.17
CA ILE B 353 -12.08 30.54 25.22
C ILE B 353 -11.21 31.63 25.82
N LYS B 354 -9.90 31.45 25.76
CA LYS B 354 -8.93 32.43 26.24
C LYS B 354 -8.12 32.96 25.06
N GLN B 355 -7.88 34.27 25.05
CA GLN B 355 -7.10 34.87 23.98
C GLN B 355 -5.61 34.81 24.31
N LEU B 356 -4.82 34.33 23.35
CA LEU B 356 -3.36 34.32 23.47
C LEU B 356 -2.68 35.29 22.52
N LYS B 357 -3.27 35.55 21.37
CA LYS B 357 -2.75 36.50 20.39
C LYS B 357 -3.94 37.17 19.72
N VAL B 358 -3.88 38.49 19.60
CA VAL B 358 -4.89 39.27 18.90
C VAL B 358 -4.72 39.09 17.40
N VAL B 359 -5.83 39.17 16.66
CA VAL B 359 -5.81 39.10 15.19
C VAL B 359 -4.83 40.14 14.66
N ASP B 360 -3.89 39.71 13.82
CA ASP B 360 -2.91 40.60 13.19
C ASP B 360 -3.53 41.18 11.93
N THR B 361 -4.34 42.22 12.13
CA THR B 361 -5.08 42.80 11.02
C THR B 361 -4.18 43.56 10.05
N GLU B 362 -2.91 43.76 10.39
CA GLU B 362 -1.96 44.39 9.47
C GLU B 362 -1.50 43.37 8.43
N ASN B 363 -0.72 42.37 8.86
CA ASN B 363 -0.13 41.35 8.02
C ASN B 363 -1.09 40.22 7.66
N ASN B 364 -2.38 40.39 7.93
CA ASN B 364 -3.43 39.52 7.40
C ASN B 364 -3.25 38.09 7.90
N LYS B 365 -3.35 37.93 9.22
CA LYS B 365 -3.08 36.68 9.90
C LYS B 365 -4.05 36.51 11.08
N PRO B 366 -4.44 35.29 11.37
CA PRO B 366 -5.33 35.07 12.53
C PRO B 366 -4.57 35.23 13.83
N GLY B 367 -5.32 35.33 14.93
CA GLY B 367 -4.74 35.36 16.25
C GLY B 367 -4.34 33.98 16.73
N LEU B 368 -4.44 33.76 18.05
CA LEU B 368 -4.22 32.47 18.66
C LEU B 368 -5.05 32.35 19.93
N LEU B 369 -5.73 31.22 20.09
CA LEU B 369 -6.68 31.05 21.18
C LEU B 369 -6.42 29.75 21.93
N LEU B 370 -6.89 29.70 23.18
CA LEU B 370 -6.85 28.50 24.01
C LEU B 370 -8.27 28.08 24.37
N VAL B 371 -8.63 26.85 24.05
CA VAL B 371 -9.97 26.33 24.30
C VAL B 371 -9.90 25.30 25.41
N LYS B 372 -10.71 25.50 26.46
CA LYS B 372 -10.84 24.53 27.55
C LYS B 372 -12.26 24.01 27.58
N GLY B 373 -12.41 22.70 27.73
CA GLY B 373 -13.72 22.08 27.81
C GLY B 373 -13.61 20.74 28.50
N HIS B 374 -14.73 20.02 28.54
CA HIS B 374 -14.75 18.73 29.21
C HIS B 374 -15.63 17.71 28.46
N TYR B 375 -15.28 16.44 28.61
CA TYR B 375 -15.99 15.33 28.00
C TYR B 375 -17.15 14.86 28.90
N THR B 376 -18.05 14.08 28.29
CA THR B 376 -19.31 13.74 28.95
C THR B 376 -19.12 12.86 30.18
N ASP B 377 -17.93 12.27 30.38
CA ASP B 377 -17.64 11.47 31.56
C ASP B 377 -16.89 12.25 32.63
N GLY B 378 -16.35 13.42 32.29
CA GLY B 378 -15.64 14.27 33.23
C GLY B 378 -14.21 14.59 32.84
N LYS B 379 -13.58 13.84 31.94
CA LYS B 379 -12.24 14.16 31.49
C LYS B 379 -12.22 15.53 30.80
N LYS B 380 -11.01 16.06 30.62
CA LYS B 380 -10.80 17.46 30.28
C LYS B 380 -10.27 17.62 28.86
N PHE B 381 -10.70 18.68 28.20
CA PHE B 381 -10.19 19.09 26.90
C PHE B 381 -9.39 20.39 27.07
N GLU B 382 -8.20 20.47 26.47
CA GLU B 382 -7.44 21.71 26.46
C GLU B 382 -6.48 21.72 25.27
N GLU B 383 -6.63 22.72 24.39
CA GLU B 383 -5.90 22.74 23.12
C GLU B 383 -5.94 24.13 22.50
N GLU B 384 -4.92 24.46 21.72
CA GLU B 384 -4.78 25.79 21.11
C GLU B 384 -5.22 25.76 19.65
N PHE B 385 -5.88 26.85 19.22
CA PHE B 385 -6.39 26.99 17.85
C PHE B 385 -6.22 28.44 17.40
N GLU B 386 -6.01 28.62 16.09
CA GLU B 386 -5.93 29.99 15.57
C GLU B 386 -7.32 30.58 15.32
N THR B 387 -8.32 29.74 15.03
CA THR B 387 -9.68 30.18 14.79
C THR B 387 -10.65 29.22 15.46
N VAL B 388 -11.69 29.77 16.07
CA VAL B 388 -12.77 28.98 16.63
C VAL B 388 -14.04 29.43 15.95
N ILE B 389 -14.76 28.49 15.33
CA ILE B 389 -16.04 28.77 14.68
C ILE B 389 -17.15 28.09 15.47
N PHE B 390 -18.18 28.87 15.83
CA PHE B 390 -19.37 28.32 16.47
C PHE B 390 -20.46 28.07 15.44
N ALA B 391 -21.01 26.85 15.47
CA ALA B 391 -22.17 26.48 14.64
C ALA B 391 -23.09 25.63 15.52
N VAL B 392 -23.74 26.30 16.47
CA VAL B 392 -24.56 25.60 17.45
C VAL B 392 -26.02 26.02 17.33
N GLY B 393 -26.45 26.33 16.10
CA GLY B 393 -27.84 26.60 15.82
C GLY B 393 -28.06 28.06 15.44
N ARG B 394 -29.31 28.35 15.06
CA ARG B 394 -29.71 29.68 14.66
C ARG B 394 -31.07 29.99 15.28
N GLU B 395 -31.36 31.28 15.44
CA GLU B 395 -32.59 31.70 16.10
C GLU B 395 -33.02 33.07 15.59
N PRO B 396 -34.31 33.36 15.62
CA PRO B 396 -34.78 34.71 15.30
C PRO B 396 -34.81 35.54 16.59
N GLN B 397 -35.01 36.83 16.41
CA GLN B 397 -35.10 37.68 17.58
C GLN B 397 -36.25 38.65 17.32
N LEU B 398 -37.46 38.10 17.26
CA LEU B 398 -38.62 38.85 16.80
C LEU B 398 -39.01 39.98 17.74
N SER B 399 -38.44 40.05 18.94
CA SER B 399 -38.64 41.24 19.78
C SER B 399 -38.06 42.49 19.13
N LYS B 400 -37.04 42.33 18.28
CA LYS B 400 -36.53 43.45 17.49
C LYS B 400 -37.51 43.86 16.40
N VAL B 401 -38.33 42.94 15.92
CA VAL B 401 -39.05 43.14 14.68
C VAL B 401 -40.49 43.55 14.96
N LEU B 402 -41.04 43.05 16.06
CA LEU B 402 -42.48 43.05 16.25
C LEU B 402 -42.83 43.38 17.71
N CYS B 403 -43.64 44.42 17.91
CA CYS B 403 -44.07 44.78 19.25
C CYS B 403 -45.14 43.81 19.75
N GLU B 404 -44.95 43.32 20.97
CA GLU B 404 -45.87 42.33 21.54
C GLU B 404 -47.30 42.85 21.63
N THR B 405 -47.50 44.17 21.67
CA THR B 405 -48.87 44.68 21.72
C THR B 405 -49.65 44.38 20.45
N VAL B 406 -48.97 44.19 19.32
CA VAL B 406 -49.64 44.01 18.03
C VAL B 406 -50.52 42.76 18.03
N GLY B 407 -50.13 41.75 18.80
CA GLY B 407 -50.91 40.53 18.90
C GLY B 407 -50.50 39.37 18.01
N VAL B 408 -49.25 39.30 17.58
CA VAL B 408 -48.80 38.18 16.75
C VAL B 408 -48.29 37.09 17.67
N LYS B 409 -48.95 35.92 17.66
CA LYS B 409 -48.58 34.82 18.55
C LYS B 409 -47.29 34.13 18.08
N LEU B 410 -46.38 33.90 19.03
CA LEU B 410 -45.13 33.19 18.84
C LEU B 410 -45.14 31.87 19.63
N ASP B 411 -44.28 30.93 19.22
CA ASP B 411 -44.20 29.65 19.91
C ASP B 411 -43.09 29.70 20.96
N LYS B 412 -42.76 28.56 21.56
CA LYS B 412 -41.77 28.52 22.64
C LYS B 412 -40.35 28.81 22.14
N ASN B 413 -40.08 28.58 20.86
CA ASN B 413 -38.77 28.86 20.26
C ASN B 413 -38.65 30.29 19.74
N GLY B 414 -39.73 31.04 19.71
CA GLY B 414 -39.71 32.39 19.17
C GLY B 414 -40.18 32.51 17.74
N ARG B 415 -40.77 31.47 17.17
CA ARG B 415 -41.20 31.49 15.78
C ARG B 415 -42.69 31.75 15.67
N VAL B 416 -43.10 32.25 14.51
CA VAL B 416 -44.45 32.75 14.29
C VAL B 416 -45.39 31.58 14.02
N VAL B 417 -46.50 31.53 14.75
CA VAL B 417 -47.53 30.51 14.59
C VAL B 417 -48.46 30.92 13.46
N CYS B 418 -48.49 30.13 12.39
CA CYS B 418 -49.27 30.49 11.22
C CYS B 418 -50.30 29.41 10.88
N THR B 419 -51.32 29.81 10.15
CA THR B 419 -52.22 28.86 9.52
C THR B 419 -51.58 28.34 8.23
N ASP B 420 -52.21 27.35 7.61
CA ASP B 420 -51.60 26.73 6.44
C ASP B 420 -51.54 27.65 5.22
N ASP B 421 -52.02 28.90 5.33
CA ASP B 421 -51.82 29.90 4.29
C ASP B 421 -50.94 31.05 4.77
N GLU B 422 -50.08 30.79 5.76
CA GLU B 422 -49.11 31.72 6.32
C GLU B 422 -49.74 32.89 7.10
N GLN B 423 -51.05 32.87 7.35
CA GLN B 423 -51.68 33.91 8.16
C GLN B 423 -51.31 33.78 9.64
N THR B 424 -50.97 34.90 10.27
CA THR B 424 -50.70 34.98 11.70
C THR B 424 -52.01 35.13 12.47
N THR B 425 -51.92 35.39 13.79
CA THR B 425 -53.10 35.67 14.60
C THR B 425 -53.69 37.07 14.33
N VAL B 426 -53.01 37.88 13.53
CA VAL B 426 -53.51 39.18 13.11
C VAL B 426 -53.85 39.10 11.63
N SER B 427 -55.09 39.40 11.29
CA SER B 427 -55.67 38.95 10.03
C SER B 427 -54.94 39.46 8.78
N ASN B 428 -54.24 40.59 8.86
CA ASN B 428 -53.58 41.14 7.67
C ASN B 428 -52.07 40.92 7.69
N VAL B 429 -51.55 40.16 8.64
CA VAL B 429 -50.12 39.97 8.83
C VAL B 429 -49.78 38.50 8.57
N TYR B 430 -48.81 38.25 7.71
CA TYR B 430 -48.38 36.91 7.33
C TYR B 430 -46.90 36.74 7.63
N ALA B 431 -46.45 35.49 7.64
CA ALA B 431 -45.04 35.17 7.93
C ALA B 431 -44.61 34.03 7.01
N ILE B 432 -43.36 34.09 6.53
CA ILE B 432 -42.82 33.14 5.57
C ILE B 432 -41.36 32.88 5.90
N GLY B 433 -40.83 31.78 5.37
CA GLY B 433 -39.41 31.51 5.53
C GLY B 433 -39.04 30.91 6.89
N ASP B 434 -37.80 31.18 7.33
CA ASP B 434 -37.26 30.52 8.51
C ASP B 434 -38.03 30.84 9.80
N ILE B 435 -38.77 31.97 9.85
CA ILE B 435 -39.52 32.31 11.07
C ILE B 435 -40.90 31.68 11.16
N ASN B 436 -41.37 31.01 10.10
CA ASN B 436 -42.67 30.34 10.14
C ASN B 436 -42.52 29.04 10.93
N ALA B 437 -43.19 28.94 12.08
CA ALA B 437 -42.98 27.84 13.00
C ALA B 437 -43.30 26.49 12.36
N GLY B 438 -42.40 25.52 12.57
CA GLY B 438 -42.64 24.16 12.13
C GLY B 438 -42.33 23.86 10.69
N LYS B 439 -41.87 24.82 9.93
CA LYS B 439 -41.65 24.53 8.52
C LYS B 439 -40.17 24.24 8.26
N PRO B 440 -39.85 23.46 7.23
CA PRO B 440 -38.44 23.27 6.87
C PRO B 440 -37.80 24.61 6.55
N GLN B 441 -36.60 24.83 7.07
CA GLN B 441 -35.93 26.12 6.95
C GLN B 441 -34.96 26.03 5.76
N LEU B 442 -35.48 26.32 4.56
CA LEU B 442 -34.72 26.14 3.32
C LEU B 442 -35.07 27.24 2.33
N THR B 443 -34.09 27.62 1.51
CA THR B 443 -34.31 28.73 0.58
C THR B 443 -35.41 28.44 -0.43
N PRO B 444 -35.43 27.30 -1.14
CA PRO B 444 -36.53 27.07 -2.09
C PRO B 444 -37.89 27.05 -1.43
N VAL B 445 -37.97 26.61 -0.17
CA VAL B 445 -39.23 26.65 0.55
C VAL B 445 -39.73 28.08 0.72
N ALA B 446 -38.85 28.97 1.21
CA ALA B 446 -39.30 30.34 1.46
C ALA B 446 -39.71 31.02 0.15
N ILE B 447 -39.03 30.70 -0.95
CA ILE B 447 -39.33 31.31 -2.24
C ILE B 447 -40.69 30.88 -2.74
N GLN B 448 -40.99 29.58 -2.64
CA GLN B 448 -42.32 29.09 -2.97
C GLN B 448 -43.39 29.71 -2.06
N ALA B 449 -43.14 29.74 -0.76
CA ALA B 449 -44.14 30.33 0.14
C ALA B 449 -44.46 31.77 -0.24
N GLY B 450 -43.43 32.59 -0.41
CA GLY B 450 -43.64 33.99 -0.75
C GLY B 450 -44.34 34.19 -2.08
N ARG B 451 -43.91 33.46 -3.11
CA ARG B 451 -44.54 33.64 -4.42
C ARG B 451 -46.00 33.20 -4.41
N TYR B 452 -46.30 32.10 -3.72
CA TYR B 452 -47.67 31.60 -3.69
C TYR B 452 -48.56 32.50 -2.84
N LEU B 453 -48.02 33.03 -1.72
CA LEU B 453 -48.79 33.98 -0.91
C LEU B 453 -49.17 35.21 -1.73
N ALA B 454 -48.18 35.85 -2.38
CA ALA B 454 -48.45 37.05 -3.18
C ALA B 454 -49.56 36.83 -4.19
N ARG B 455 -49.55 35.69 -4.88
CA ARG B 455 -50.59 35.37 -5.85
C ARG B 455 -51.96 35.27 -5.19
N ARG B 456 -52.06 34.62 -4.03
CA ARG B 456 -53.34 34.54 -3.33
C ARG B 456 -53.82 35.92 -2.88
N LEU B 457 -52.90 36.78 -2.45
CA LEU B 457 -53.31 38.09 -1.92
C LEU B 457 -53.79 39.02 -3.02
N PHE B 458 -53.15 38.96 -4.20
CA PHE B 458 -53.34 40.02 -5.18
C PHE B 458 -53.80 39.55 -6.55
N ALA B 459 -53.94 38.24 -6.77
CA ALA B 459 -54.37 37.74 -8.06
C ALA B 459 -55.49 36.71 -7.95
N GLY B 460 -56.08 36.54 -6.77
CA GLY B 460 -57.15 35.57 -6.64
C GLY B 460 -56.72 34.13 -6.81
N ALA B 461 -55.45 33.83 -6.59
CA ALA B 461 -55.02 32.43 -6.66
C ALA B 461 -55.50 31.70 -5.42
N THR B 462 -55.57 30.36 -5.53
CA THR B 462 -55.96 29.52 -4.41
C THR B 462 -54.89 28.50 -3.97
N GLU B 463 -53.84 28.29 -4.75
CA GLU B 463 -52.88 27.23 -4.45
C GLU B 463 -52.07 27.54 -3.18
N LEU B 464 -52.00 26.57 -2.28
CA LEU B 464 -51.18 26.60 -1.07
C LEU B 464 -49.80 25.97 -1.32
N THR B 465 -48.84 26.32 -0.46
CA THR B 465 -47.51 25.69 -0.46
C THR B 465 -47.57 24.34 0.26
N ASP B 466 -47.00 23.30 -0.38
CA ASP B 466 -46.94 21.95 0.20
C ASP B 466 -45.58 21.78 0.86
N TYR B 467 -45.56 21.66 2.19
CA TYR B 467 -44.33 21.56 2.97
C TYR B 467 -43.90 20.12 3.25
N SER B 468 -44.52 19.12 2.62
CA SER B 468 -44.23 17.73 2.97
C SER B 468 -43.19 17.12 2.02
N ASN B 469 -42.39 16.19 2.55
CA ASN B 469 -41.40 15.46 1.77
C ASN B 469 -40.52 16.40 0.92
N VAL B 470 -40.10 17.53 1.48
CA VAL B 470 -39.15 18.41 0.80
C VAL B 470 -37.74 17.82 0.91
N ALA B 471 -37.09 17.63 -0.24
CA ALA B 471 -35.77 17.01 -0.29
C ALA B 471 -34.65 17.97 0.16
N THR B 472 -33.56 17.39 0.69
CA THR B 472 -32.43 18.14 1.22
C THR B 472 -31.13 17.59 0.62
N THR B 473 -30.08 18.39 0.70
CA THR B 473 -28.75 17.86 0.45
C THR B 473 -27.74 18.54 1.35
N VAL B 474 -26.95 17.71 2.03
CA VAL B 474 -25.83 18.15 2.85
C VAL B 474 -24.57 18.04 2.01
N PHE B 475 -23.88 19.18 1.81
CA PHE B 475 -22.74 19.28 0.90
C PHE B 475 -21.42 19.10 1.66
N THR B 476 -21.36 18.02 2.44
CA THR B 476 -20.13 17.53 3.03
C THR B 476 -19.20 16.99 1.92
N PRO B 477 -17.92 16.70 2.24
CA PRO B 477 -16.99 16.26 1.16
C PRO B 477 -17.52 15.13 0.30
N LEU B 478 -18.11 14.11 0.90
CA LEU B 478 -19.00 13.20 0.19
C LEU B 478 -20.42 13.64 0.54
N GLU B 479 -21.17 14.05 -0.49
CA GLU B 479 -22.50 14.63 -0.31
C GLU B 479 -23.57 13.59 0.06
N TYR B 480 -24.63 14.07 0.73
CA TYR B 480 -25.72 13.25 1.27
C TYR B 480 -27.08 13.86 0.92
N GLY B 481 -27.82 13.22 0.02
CA GLY B 481 -29.15 13.65 -0.36
C GLY B 481 -30.21 12.79 0.31
N ALA B 482 -31.35 13.41 0.63
CA ALA B 482 -32.48 12.67 1.20
C ALA B 482 -33.81 13.27 0.76
N CYS B 483 -34.83 12.41 0.69
CA CYS B 483 -36.22 12.85 0.52
C CYS B 483 -37.11 11.95 1.35
N GLY B 484 -37.84 12.52 2.31
CA GLY B 484 -38.76 11.71 3.10
C GLY B 484 -38.26 11.31 4.47
N LEU B 485 -38.79 10.20 5.00
CA LEU B 485 -38.51 9.80 6.37
C LEU B 485 -37.16 9.12 6.49
N SER B 486 -36.45 9.41 7.58
CA SER B 486 -35.35 8.55 8.01
C SER B 486 -35.88 7.15 8.32
N GLU B 487 -34.95 6.20 8.37
CA GLU B 487 -35.33 4.82 8.66
C GLU B 487 -35.92 4.71 10.07
N GLU B 488 -35.28 5.34 11.06
CA GLU B 488 -35.78 5.26 12.43
C GLU B 488 -37.18 5.87 12.54
N ASP B 489 -37.42 6.99 11.83
CA ASP B 489 -38.75 7.62 11.94
C ASP B 489 -39.83 6.75 11.33
N ALA B 490 -39.52 6.06 10.22
CA ALA B 490 -40.50 5.17 9.63
C ALA B 490 -40.82 4.00 10.55
N ILE B 491 -39.79 3.40 11.16
CA ILE B 491 -40.01 2.28 12.06
C ILE B 491 -40.88 2.70 13.25
N GLU B 492 -40.54 3.84 13.85
CA GLU B 492 -41.31 4.35 14.98
C GLU B 492 -42.77 4.59 14.60
N LYS B 493 -43.02 5.15 13.42
CA LYS B 493 -44.38 5.49 13.01
C LYS B 493 -45.20 4.26 12.65
N TYR B 494 -44.58 3.22 12.08
CA TYR B 494 -45.33 2.09 11.54
C TYR B 494 -44.97 0.74 12.16
N GLY B 495 -43.87 0.63 12.87
CA GLY B 495 -43.46 -0.67 13.39
C GLY B 495 -42.49 -1.38 12.48
N ASP B 496 -41.50 -2.05 13.08
CA ASP B 496 -40.46 -2.71 12.31
C ASP B 496 -41.04 -3.73 11.31
N LYS B 497 -42.07 -4.46 11.72
CA LYS B 497 -42.60 -5.53 10.88
C LYS B 497 -43.20 -5.00 9.58
N ASP B 498 -43.60 -3.74 9.54
CA ASP B 498 -44.23 -3.15 8.36
C ASP B 498 -43.25 -2.34 7.51
N ILE B 499 -41.95 -2.37 7.81
CA ILE B 499 -40.95 -1.57 7.11
C ILE B 499 -39.96 -2.51 6.44
N GLU B 500 -39.81 -2.37 5.13
CA GLU B 500 -38.79 -3.10 4.38
C GLU B 500 -37.81 -2.08 3.82
N VAL B 501 -36.52 -2.40 3.89
CA VAL B 501 -35.46 -1.48 3.47
C VAL B 501 -34.57 -2.16 2.44
N TYR B 502 -34.50 -1.60 1.24
CA TYR B 502 -33.59 -2.06 0.19
C TYR B 502 -32.37 -1.15 0.15
N HIS B 503 -31.17 -1.74 -0.02
CA HIS B 503 -29.97 -0.92 0.03
C HIS B 503 -28.85 -1.55 -0.78
N SER B 504 -27.80 -0.75 -1.05
CA SER B 504 -26.66 -1.18 -1.83
C SER B 504 -25.52 -0.17 -1.70
N ASN B 505 -24.28 -0.68 -1.61
CA ASN B 505 -23.12 0.13 -1.90
C ASN B 505 -22.98 0.31 -3.41
N PHE B 506 -22.23 1.35 -3.80
CA PHE B 506 -21.89 1.51 -5.20
C PHE B 506 -20.58 2.28 -5.31
N LYS B 507 -19.98 2.22 -6.50
CA LYS B 507 -18.75 2.90 -6.80
C LYS B 507 -18.95 3.72 -8.06
N PRO B 508 -18.67 5.03 -8.03
CA PRO B 508 -18.75 5.82 -9.27
C PRO B 508 -17.77 5.30 -10.31
N LEU B 509 -18.22 5.18 -11.57
CA LEU B 509 -17.30 4.78 -12.63
C LEU B 509 -16.08 5.70 -12.66
N GLU B 510 -16.27 7.00 -12.39
CA GLU B 510 -15.17 7.95 -12.30
C GLU B 510 -14.15 7.59 -11.22
N TRP B 511 -14.55 6.81 -10.19
CA TRP B 511 -13.60 6.48 -9.13
C TRP B 511 -12.71 5.29 -9.48
N THR B 512 -12.99 4.56 -10.57
CA THR B 512 -12.26 3.33 -10.80
C THR B 512 -10.81 3.60 -11.18
N VAL B 513 -10.62 4.38 -12.24
CA VAL B 513 -9.27 4.69 -12.70
C VAL B 513 -8.51 5.54 -11.69
N ALA B 514 -9.20 6.35 -10.90
CA ALA B 514 -8.58 7.20 -9.89
C ALA B 514 -8.24 6.45 -8.61
N HIS B 515 -8.58 5.15 -8.52
CA HIS B 515 -8.22 4.31 -7.38
C HIS B 515 -8.81 4.82 -6.06
N ARG B 516 -10.08 5.25 -6.09
CA ARG B 516 -10.80 5.66 -4.89
C ARG B 516 -11.58 4.47 -4.33
N GLU B 517 -12.29 4.66 -3.23
CA GLU B 517 -12.77 3.56 -2.39
C GLU B 517 -13.92 2.76 -3.04
N ASP B 518 -13.97 1.45 -2.73
CA ASP B 518 -14.96 0.56 -3.35
C ASP B 518 -16.34 0.64 -2.71
N ASN B 519 -16.43 0.67 -1.38
CA ASN B 519 -17.70 0.46 -0.69
C ASN B 519 -17.96 1.56 0.29
N VAL B 520 -17.89 2.80 -0.18
CA VAL B 520 -18.12 3.97 0.64
C VAL B 520 -19.42 4.69 0.25
N CYS B 521 -19.69 4.82 -1.05
CA CYS B 521 -20.98 5.33 -1.46
C CYS B 521 -22.06 4.30 -1.16
N TYR B 522 -23.27 4.77 -0.86
CA TYR B 522 -24.32 3.94 -0.31
C TYR B 522 -25.67 4.55 -0.65
N MET B 523 -26.70 3.70 -0.79
CA MET B 523 -28.07 4.21 -0.94
C MET B 523 -29.07 3.19 -0.40
N LYS B 524 -30.26 3.70 -0.05
CA LYS B 524 -31.33 2.86 0.46
C LYS B 524 -32.70 3.48 0.17
N LEU B 525 -33.72 2.61 0.07
CA LEU B 525 -35.12 3.00 0.05
C LEU B 525 -35.81 2.39 1.26
N VAL B 526 -36.46 3.23 2.06
CA VAL B 526 -37.26 2.79 3.20
C VAL B 526 -38.71 2.69 2.75
N CYS B 527 -39.29 1.48 2.81
CA CYS B 527 -40.59 1.22 2.21
C CYS B 527 -41.58 0.62 3.20
N ARG B 528 -42.88 0.91 2.98
CA ARG B 528 -43.98 0.44 3.84
C ARG B 528 -44.67 -0.78 3.23
N LYS B 529 -44.55 -1.92 3.90
CA LYS B 529 -45.07 -3.18 3.36
C LYS B 529 -46.57 -3.12 3.09
N SER B 530 -47.36 -2.67 4.07
CA SER B 530 -48.81 -2.76 3.94
C SER B 530 -49.40 -1.74 2.96
N ASP B 531 -48.60 -0.85 2.40
CA ASP B 531 -49.10 0.16 1.45
C ASP B 531 -48.44 -0.03 0.08
N ASN B 532 -48.47 -1.26 -0.45
CA ASN B 532 -47.91 -1.57 -1.77
C ASN B 532 -46.43 -1.19 -1.86
N MET B 533 -45.68 -1.35 -0.76
CA MET B 533 -44.25 -1.07 -0.71
C MET B 533 -43.95 0.38 -1.12
N ARG B 534 -44.79 1.29 -0.63
CA ARG B 534 -44.62 2.72 -0.81
C ARG B 534 -43.23 3.18 -0.38
N VAL B 535 -42.61 4.03 -1.19
CA VAL B 535 -41.32 4.60 -0.82
C VAL B 535 -41.59 5.71 0.19
N LEU B 536 -41.18 5.50 1.45
CA LEU B 536 -41.34 6.48 2.52
C LEU B 536 -40.17 7.45 2.64
N GLY B 537 -38.95 6.99 2.33
CA GLY B 537 -37.75 7.81 2.35
C GLY B 537 -36.69 7.26 1.41
N LEU B 538 -35.97 8.17 0.75
CA LEU B 538 -34.85 7.84 -0.14
C LEU B 538 -33.58 8.51 0.40
N HIS B 539 -32.46 7.81 0.34
CA HIS B 539 -31.21 8.28 0.96
C HIS B 539 -30.04 7.88 0.08
N VAL B 540 -29.16 8.84 -0.24
CA VAL B 540 -27.98 8.56 -1.08
C VAL B 540 -26.77 9.36 -0.58
N LEU B 541 -25.64 8.67 -0.46
CA LEU B 541 -24.35 9.24 -0.09
C LEU B 541 -23.40 9.03 -1.26
N GLY B 542 -22.94 10.12 -1.87
CA GLY B 542 -22.14 10.03 -3.07
C GLY B 542 -21.99 11.37 -3.77
N PRO B 543 -21.21 11.38 -4.85
CA PRO B 543 -21.00 12.64 -5.58
C PRO B 543 -22.26 13.10 -6.29
N ASN B 544 -22.39 14.43 -6.43
CA ASN B 544 -23.55 15.03 -7.07
C ASN B 544 -24.86 14.57 -6.43
N ALA B 545 -24.89 14.42 -5.10
CA ALA B 545 -26.06 13.81 -4.46
C ALA B 545 -27.32 14.65 -4.63
N GLY B 546 -27.17 15.98 -4.74
CA GLY B 546 -28.35 16.80 -4.90
C GLY B 546 -28.95 16.67 -6.29
N GLU B 547 -28.09 16.53 -7.32
CA GLU B 547 -28.59 16.30 -8.66
C GLU B 547 -29.27 14.92 -8.75
N ILE B 548 -28.67 13.90 -8.14
CA ILE B 548 -29.30 12.57 -8.09
C ILE B 548 -30.67 12.64 -7.46
N THR B 549 -30.76 13.28 -6.29
CA THR B 549 -31.97 13.20 -5.48
C THR B 549 -33.13 13.99 -6.11
N GLN B 550 -32.87 15.12 -6.77
CA GLN B 550 -33.96 16.05 -7.07
C GLN B 550 -35.12 15.39 -7.78
N GLY B 551 -34.85 14.64 -8.84
CA GLY B 551 -35.92 14.16 -9.68
C GLY B 551 -36.79 13.14 -9.01
N TYR B 552 -36.20 12.30 -8.16
CA TYR B 552 -36.98 11.35 -7.37
C TYR B 552 -37.98 12.04 -6.43
N ALA B 553 -37.76 13.32 -6.08
CA ALA B 553 -38.70 14.02 -5.23
C ALA B 553 -40.04 14.23 -5.93
N VAL B 554 -40.04 14.39 -7.26
CA VAL B 554 -41.31 14.44 -7.98
C VAL B 554 -42.03 13.09 -7.88
N ALA B 555 -41.31 12.00 -8.11
CA ALA B 555 -41.93 10.68 -7.97
C ALA B 555 -42.45 10.44 -6.55
N ILE B 556 -41.72 10.89 -5.54
CA ILE B 556 -42.14 10.66 -4.16
C ILE B 556 -43.37 11.50 -3.82
N LYS B 557 -43.41 12.76 -4.30
CA LYS B 557 -44.62 13.58 -4.18
C LYS B 557 -45.84 12.88 -4.76
N MET B 558 -45.65 12.10 -5.83
CA MET B 558 -46.74 11.43 -6.53
C MET B 558 -47.08 10.05 -5.95
N GLY B 559 -46.41 9.62 -4.89
CA GLY B 559 -46.74 8.35 -4.26
C GLY B 559 -46.01 7.14 -4.84
N ALA B 560 -44.74 7.30 -5.23
CA ALA B 560 -43.98 6.20 -5.81
C ALA B 560 -43.91 5.00 -4.85
N THR B 561 -44.01 3.81 -5.44
CA THR B 561 -43.79 2.54 -4.77
C THR B 561 -42.51 1.90 -5.30
N LYS B 562 -42.08 0.82 -4.66
CA LYS B 562 -40.90 0.10 -5.13
C LYS B 562 -41.10 -0.42 -6.55
N ALA B 563 -42.32 -0.85 -6.88
CA ALA B 563 -42.59 -1.35 -8.22
C ALA B 563 -42.40 -0.26 -9.27
N ASP B 564 -42.66 1.00 -8.92
CA ASP B 564 -42.41 2.08 -9.86
C ASP B 564 -40.92 2.24 -10.15
N PHE B 565 -40.07 2.14 -9.11
CA PHE B 565 -38.63 2.18 -9.33
C PHE B 565 -38.16 0.99 -10.18
N ASP B 566 -38.77 -0.18 -9.96
CA ASP B 566 -38.37 -1.40 -10.65
C ASP B 566 -38.70 -1.34 -12.13
N ARG B 567 -39.88 -0.84 -12.50
CA ARG B 567 -40.28 -0.85 -13.90
C ARG B 567 -39.61 0.27 -14.71
N THR B 568 -39.06 1.29 -14.06
CA THR B 568 -38.30 2.33 -14.74
C THR B 568 -36.89 1.83 -15.06
N ILE B 569 -36.40 2.14 -16.27
CA ILE B 569 -35.09 1.64 -16.70
C ILE B 569 -33.99 2.64 -16.35
N GLY B 570 -32.78 2.13 -16.06
CA GLY B 570 -31.68 3.01 -15.73
C GLY B 570 -31.02 3.67 -16.94
N ILE B 571 -30.39 4.82 -16.68
CA ILE B 571 -29.45 5.45 -17.61
C ILE B 571 -28.02 5.00 -17.25
N HIS B 572 -27.29 4.46 -18.24
CA HIS B 572 -25.94 3.90 -18.01
C HIS B 572 -24.88 4.68 -18.79
N PRO B 573 -23.73 5.00 -18.17
CA PRO B 573 -23.33 4.74 -16.78
C PRO B 573 -23.54 5.94 -15.88
N THR B 574 -24.31 5.78 -14.80
CA THR B 574 -24.57 6.83 -13.82
C THR B 574 -24.59 6.23 -12.42
N CYS B 575 -24.32 7.09 -11.43
CA CYS B 575 -24.53 6.71 -10.04
C CYS B 575 -26.02 6.48 -9.78
N SER B 576 -26.87 7.36 -10.34
CA SER B 576 -28.27 7.35 -9.99
C SER B 576 -28.96 6.05 -10.38
N GLU B 577 -28.53 5.42 -11.47
CA GLU B 577 -29.24 4.24 -11.97
C GLU B 577 -29.31 3.11 -10.94
N THR B 578 -28.41 3.09 -9.93
CA THR B 578 -28.44 2.04 -8.92
C THR B 578 -29.79 1.99 -8.19
N PHE B 579 -30.53 3.10 -8.15
CA PHE B 579 -31.87 3.11 -7.58
C PHE B 579 -32.88 2.25 -8.36
N THR B 580 -32.63 1.97 -9.64
CA THR B 580 -33.64 1.28 -10.46
C THR B 580 -33.53 -0.24 -10.39
N THR B 581 -32.50 -0.80 -9.75
CA THR B 581 -32.32 -2.24 -9.68
C THR B 581 -32.06 -2.75 -8.26
N LEU B 582 -32.56 -2.06 -7.24
CA LEU B 582 -32.26 -2.46 -5.86
C LEU B 582 -33.03 -3.74 -5.50
N HIS B 583 -32.40 -4.60 -4.71
CA HIS B 583 -33.03 -5.89 -4.42
C HIS B 583 -32.55 -6.51 -3.10
N VAL B 584 -31.39 -6.13 -2.57
CA VAL B 584 -30.96 -6.65 -1.28
C VAL B 584 -31.74 -5.97 -0.16
N THR B 585 -32.41 -6.76 0.69
CA THR B 585 -33.12 -6.22 1.85
C THR B 585 -32.27 -6.33 3.13
N LYS B 586 -32.50 -5.39 4.05
CA LYS B 586 -31.87 -5.49 5.37
C LYS B 586 -32.32 -6.75 6.11
N LYS B 587 -33.60 -7.10 5.99
CA LYS B 587 -34.09 -8.30 6.67
C LYS B 587 -33.34 -9.56 6.21
N SER B 588 -32.97 -9.62 4.93
CA SER B 588 -32.34 -10.82 4.39
C SER B 588 -31.00 -11.10 5.04
N GLY B 589 -30.33 -10.07 5.55
CA GLY B 589 -28.99 -10.23 6.07
C GLY B 589 -27.90 -10.31 5.02
N VAL B 590 -28.24 -10.21 3.76
CA VAL B 590 -27.25 -10.33 2.68
C VAL B 590 -26.44 -9.04 2.62
N SER B 591 -25.15 -9.16 2.33
CA SER B 591 -24.28 -7.98 2.34
C SER B 591 -24.68 -7.01 1.24
N PRO B 592 -24.59 -5.70 1.49
CA PRO B 592 -24.81 -4.71 0.42
C PRO B 592 -23.58 -4.36 -0.42
N ILE B 593 -22.40 -4.93 -0.15
CA ILE B 593 -21.18 -4.48 -0.87
C ILE B 593 -21.26 -4.90 -2.33
N VAL B 594 -20.40 -4.28 -3.14
CA VAL B 594 -20.34 -4.61 -4.56
C VAL B 594 -19.01 -5.24 -4.91
PA FAD C . 35.04 -21.64 1.80
O1A FAD C . 35.54 -22.20 0.52
O2A FAD C . 35.94 -21.80 3.04
O5B FAD C . 34.76 -20.07 1.65
C5B FAD C . 34.15 -19.30 2.71
C4B FAD C . 34.65 -17.89 2.53
O4B FAD C . 33.88 -16.97 3.36
C3B FAD C . 36.12 -17.66 2.90
O3B FAD C . 36.78 -16.87 1.90
C2B FAD C . 36.03 -16.94 4.25
O2B FAD C . 37.15 -16.15 4.57
C1B FAD C . 34.79 -16.09 3.99
N9A FAD C . 34.17 -15.51 5.18
C8A FAD C . 34.13 -16.04 6.44
N7A FAD C . 33.51 -15.28 7.32
C5A FAD C . 33.12 -14.17 6.59
C6A FAD C . 32.41 -13.00 6.93
N6A FAD C . 31.96 -12.74 8.15
N1A FAD C . 32.19 -12.09 5.95
C2A FAD C . 32.64 -12.35 4.71
N3A FAD C . 33.32 -13.41 4.27
C4A FAD C . 33.52 -14.30 5.26
N1 FAD C . 37.55 -30.41 -0.92
C2 FAD C . 37.46 -31.19 -2.05
O2 FAD C . 36.38 -31.42 -2.59
N3 FAD C . 38.63 -31.71 -2.60
C4 FAD C . 39.94 -31.53 -2.10
O4 FAD C . 40.91 -32.05 -2.67
C4X FAD C . 40.00 -30.70 -0.91
N5 FAD C . 41.18 -30.47 -0.38
C5X FAD C . 41.23 -29.68 0.77
C6 FAD C . 42.48 -29.42 1.35
C7 FAD C . 42.59 -28.63 2.50
C7M FAD C . 43.95 -28.37 3.10
C8 FAD C . 41.42 -28.08 3.07
C8M FAD C . 41.51 -27.21 4.30
C9 FAD C . 40.18 -28.33 2.49
C9A FAD C . 40.08 -29.12 1.34
N10 FAD C . 38.84 -29.41 0.73
C10 FAD C . 38.76 -30.19 -0.40
C1' FAD C . 37.57 -28.87 1.30
C2' FAD C . 37.12 -27.60 0.61
O2' FAD C . 38.11 -26.60 0.81
C3' FAD C . 35.81 -27.13 1.23
O3' FAD C . 34.85 -28.19 1.27
C4' FAD C . 35.18 -25.94 0.51
O4' FAD C . 36.19 -24.98 0.18
C5' FAD C . 34.10 -25.31 1.36
O5' FAD C . 33.47 -24.24 0.60
P FAD C . 32.55 -23.19 1.33
O1P FAD C . 31.88 -22.34 0.25
O2P FAD C . 31.66 -23.92 2.31
O3P FAD C . 33.62 -22.26 2.15
N1 ZPU D . 65.00 -32.39 5.25
C4 ZPU D . 66.31 -37.67 7.69
C5 ZPU D . 66.83 -36.76 6.75
C6 ZPU D . 66.15 -36.58 5.53
C7 ZPU D . 64.97 -37.30 5.25
C8 ZPU D . 64.47 -38.19 6.18
C10 ZPU D . 65.91 -33.31 5.58
C13 ZPU D . 65.20 -31.44 7.37
N ZPU D . 66.20 -34.29 4.67
C ZPU D . 65.60 -39.84 9.39
O ZPU D . 67.22 -36.01 3.52
C1 ZPU D . 64.52 -39.30 8.42
C11 ZPU D . 66.49 -33.33 6.85
C12 ZPU D . 66.11 -32.35 7.73
C14 ZPU D . 64.67 -31.52 6.13
C2 ZPU D . 63.76 -40.43 7.70
C3 ZPU D . 65.12 -38.38 7.41
C9 ZPU D . 66.57 -35.63 4.47
N1 ZPU E . 37.33 -5.59 11.44
C4 ZPU E . 40.71 -5.85 5.98
C5 ZPU E . 40.11 -5.68 7.18
C6 ZPU E . 38.72 -5.68 7.28
C7 ZPU E . 37.91 -5.87 6.14
C8 ZPU E . 38.54 -6.04 4.88
C10 ZPU E . 37.39 -6.71 10.71
C13 ZPU E . 36.74 -6.94 13.33
N ZPU E . 37.86 -6.63 9.38
C ZPU E . 40.37 -7.41 2.99
O ZPU E . 38.03 -4.33 9.13
C1 ZPU E . 40.71 -6.11 3.54
C11 ZPU E . 37.11 -7.98 11.21
C12 ZPU E . 36.79 -8.09 12.55
C14 ZPU E . 37.02 -5.74 12.72
C2 ZPU E . 42.23 -6.06 3.76
C3 ZPU E . 39.97 -6.02 4.83
C9 ZPU E . 38.18 -5.45 8.67
PA FAD F . -33.11 35.42 5.20
O1A FAD F . -32.57 34.80 3.94
O2A FAD F . -32.23 35.24 6.45
O5B FAD F . -33.34 37.00 5.02
C5B FAD F . -33.96 37.80 6.04
C4B FAD F . -33.43 39.21 5.85
O4B FAD F . -34.15 40.15 6.70
C3B FAD F . -31.95 39.39 6.19
O3B FAD F . -31.37 40.21 5.17
C2B FAD F . -32.00 40.09 7.55
O2B FAD F . -30.88 40.90 7.86
C1B FAD F . -33.21 40.98 7.33
N9A FAD F . -33.80 41.55 8.55
C8A FAD F . -33.86 40.99 9.80
N7A FAD F . -34.46 41.74 10.69
C5A FAD F . -34.82 42.88 9.98
C6A FAD F . -35.51 44.06 10.34
N6A FAD F . -35.96 44.29 11.58
N1A FAD F . -35.71 44.99 9.38
C2A FAD F . -35.26 44.76 8.14
N3A FAD F . -34.60 43.68 7.69
C4A FAD F . -34.43 42.77 8.65
N1 FAD F . -30.79 26.52 2.50
C2 FAD F . -30.88 25.72 1.40
O2 FAD F . -31.98 25.48 0.88
N3 FAD F . -29.73 25.17 0.86
C4 FAD F . -28.42 25.34 1.32
O4 FAD F . -27.47 24.80 0.74
C4X FAD F . -28.34 26.21 2.49
N5 FAD F . -27.15 26.45 3.00
C5X FAD F . -27.07 27.26 4.12
C6 FAD F . -25.82 27.52 4.68
C7 FAD F . -25.69 28.35 5.81
C7M FAD F . -24.33 28.62 6.39
C8 FAD F . -26.83 28.91 6.38
C8M FAD F . -26.73 29.81 7.59
C9 FAD F . -28.08 28.66 5.83
C9A FAD F . -28.21 27.85 4.71
N10 FAD F . -29.46 27.56 4.12
C10 FAD F . -29.56 26.75 3.02
C1' FAD F . -30.70 28.12 4.69
C2' FAD F . -31.20 29.35 3.93
O2' FAD F . -30.16 30.33 3.87
C3' FAD F . -32.41 29.94 4.65
O3' FAD F . -33.37 28.92 4.85
C4' FAD F . -33.04 31.13 3.93
O4' FAD F . -32.04 32.08 3.57
C5' FAD F . -34.12 31.78 4.77
O5' FAD F . -34.75 32.83 4.01
P FAD F . -35.63 33.92 4.73
O1P FAD F . -36.29 34.76 3.63
O2P FAD F . -36.52 33.24 5.70
O3P FAD F . -34.56 34.86 5.53
N1 ZPU G . -27.99 51.29 9.64
C4 ZPU G . -29.93 50.73 15.88
C5 ZPU G . -29.45 51.31 14.73
C6 ZPU G . -30.11 51.15 13.54
C7 ZPU G . -31.31 50.50 13.49
C8 ZPU G . -31.79 49.92 14.66
C10 ZPU G . -29.37 51.18 9.71
C13 ZPU G . -28.08 50.67 7.27
N ZPU G . -29.97 51.11 11.01
C ZPU G . -32.85 49.68 17.66
O ZPU G . -28.24 51.94 12.33
C1 ZPU G . -31.52 49.19 17.07
C11 ZPU G . -30.13 50.87 8.56
C12 ZPU G . -29.47 50.62 7.36
C14 ZPU G . -27.39 51.02 8.45
C2 ZPU G . -31.62 47.69 16.71
C3 ZPU G . -31.10 50.00 15.85
C9 ZPU G . -29.35 51.43 12.26
N1 ZPU H . -3.00 25.02 8.22
C4 ZPU H . -1.95 19.27 10.38
C5 ZPU H . -1.53 20.30 9.55
C6 ZPU H . -2.27 20.58 8.40
C7 ZPU H . -3.43 19.86 8.09
C8 ZPU H . -3.84 18.86 8.93
C10 ZPU H . -2.46 23.87 8.62
C13 ZPU H . -2.87 25.76 10.45
N ZPU H . -2.15 22.95 7.62
C ZPU H . -3.29 17.65 12.34
O ZPU H . -1.24 21.24 6.40
C1 ZPU H . -3.42 17.34 10.84
C11 ZPU H . -2.15 23.61 9.93
C12 ZPU H . -2.35 24.59 10.84
C14 ZPU H . -3.19 25.92 9.13
C2 ZPU H . -4.80 16.80 10.43
C3 ZPU H . -3.09 18.54 10.05
C9 ZPU H . -1.86 21.59 7.39
#